data_7CW5
#
_entry.id   7CW5
#
_cell.length_a   204.485
_cell.length_b   54.006
_cell.length_c   70.185
_cell.angle_alpha   90.000
_cell.angle_beta   106.670
_cell.angle_gamma   90.000
#
_symmetry.space_group_name_H-M   'C 1 2 1'
#
loop_
_entity.id
_entity.type
_entity.pdbx_description
1 polymer 'Acetyl-CoA acetyltransferase'
2 non-polymer 'COENZYME A'
3 water water
#
_entity_poly.entity_id   1
_entity_poly.type   'polypeptide(L)'
_entity_poly.pdbx_seq_one_letter_code
;MSKTVILSAARTPVGKFGGSLKDVKATELGGIAIKAALERANVAASDVEEVIFGTVIQGGQGQIPSRQAARAAGIPWEVQ
TETVNKVCASGLRAVTLADQIIRTGDQSLIVAGGMESMSNSPYILRGARWGYRMGNNEVIDLNVADGLTCAFSGTHMGVY
GGEVAKEDGISREAQDEWAYRSHQRAVSAHKEGRFEEEIVPVTIPQRKGDPIVVAKDEAPREDTTIEKLAKLKPVFDKTA
TVTAGNAPGLNDGGAALVLMSEDRAKQEGRKPLATILAHTAIAVESKDFPRTPGYAINALLEKTGKTIEDIDLFEINEAF
AAVAIASTEIAGIDPEKLNVNGGAVAMGHPIGASGARIIVTLIHALKQRGGGIGIASICSGGGQGDAVMIEVHLEHHHHH
H
;
_entity_poly.pdbx_strand_id   A,B
#
# COMPACT_ATOMS: atom_id res chain seq x y z
N SER A 2 -20.67 -1.31 14.44
CA SER A 2 -20.17 -2.08 13.26
C SER A 2 -21.20 -2.00 12.12
N LYS A 3 -21.43 -0.77 11.64
CA LYS A 3 -21.93 -0.47 10.26
C LYS A 3 -21.28 0.84 9.78
N THR A 4 -20.99 0.94 8.47
CA THR A 4 -20.27 2.10 7.87
C THR A 4 -21.21 2.85 6.92
N VAL A 5 -21.38 4.15 7.14
CA VAL A 5 -22.12 5.00 6.15
C VAL A 5 -21.10 5.81 5.33
N ILE A 6 -21.50 6.15 4.09
CA ILE A 6 -20.78 7.03 3.15
C ILE A 6 -21.50 8.39 3.20
N LEU A 7 -20.78 9.41 3.64
CA LEU A 7 -21.33 10.77 3.78
C LEU A 7 -21.26 11.50 2.44
N SER A 8 -20.33 11.11 1.57
CA SER A 8 -20.01 11.87 0.34
C SER A 8 -19.09 11.04 -0.53
N ALA A 9 -19.03 11.42 -1.80
CA ALA A 9 -18.37 10.67 -2.88
C ALA A 9 -18.12 11.68 -3.99
N ALA A 10 -16.85 11.88 -4.34
CA ALA A 10 -16.46 12.89 -5.33
C ALA A 10 -15.39 12.29 -6.23
N ARG A 11 -15.36 12.68 -7.50
CA ARG A 11 -14.26 12.28 -8.43
C ARG A 11 -13.89 13.46 -9.31
N THR A 12 -12.62 13.50 -9.71
CA THR A 12 -12.16 14.41 -10.78
C THR A 12 -12.70 13.85 -12.08
N PRO A 13 -12.76 14.64 -13.17
CA PRO A 13 -12.94 14.08 -14.50
C PRO A 13 -11.77 13.11 -14.69
N VAL A 14 -11.97 12.16 -15.61
CA VAL A 14 -10.91 11.24 -16.04
C VAL A 14 -10.28 11.83 -17.31
N GLY A 15 -8.96 11.99 -17.29
CA GLY A 15 -8.19 12.52 -18.43
C GLY A 15 -7.62 11.40 -19.25
N LYS A 16 -7.40 11.66 -20.54
CA LYS A 16 -6.67 10.74 -21.44
C LYS A 16 -5.18 10.79 -21.13
N PHE A 17 -4.48 9.76 -21.57
CA PHE A 17 -3.01 9.67 -21.48
C PHE A 17 -2.40 10.86 -22.23
N GLY A 18 -1.59 11.63 -21.54
CA GLY A 18 -0.94 12.82 -22.11
C GLY A 18 -1.95 13.88 -22.50
N GLY A 19 -3.15 13.90 -21.91
CA GLY A 19 -4.23 14.83 -22.28
C GLY A 19 -4.54 15.86 -21.21
N SER A 20 -5.82 16.05 -20.89
CA SER A 20 -6.30 17.25 -20.16
C SER A 20 -5.63 17.37 -18.77
N LEU A 21 -5.24 16.27 -18.10
CA LEU A 21 -4.72 16.35 -16.71
C LEU A 21 -3.23 16.02 -16.68
N LYS A 22 -2.57 16.09 -17.82
CA LYS A 22 -1.16 15.65 -17.99
C LYS A 22 -0.27 16.41 -17.01
N ASP A 23 -0.59 17.67 -16.71
CA ASP A 23 0.32 18.49 -15.86
C ASP A 23 -0.13 18.49 -14.40
N VAL A 24 -1.06 17.62 -14.00
CA VAL A 24 -1.49 17.48 -12.59
C VAL A 24 -0.92 16.17 -12.02
N LYS A 25 -0.21 16.27 -10.91
CA LYS A 25 0.35 15.06 -10.21
C LYS A 25 -0.83 14.22 -9.71
N ALA A 26 -0.69 12.88 -9.65
CA ALA A 26 -1.70 12.00 -9.02
C ALA A 26 -2.13 12.53 -7.64
N THR A 27 -1.20 12.92 -6.77
CA THR A 27 -1.50 13.37 -5.38
C THR A 27 -2.37 14.63 -5.39
N GLU A 28 -2.20 15.48 -6.40
CA GLU A 28 -3.01 16.71 -6.59
C GLU A 28 -4.43 16.31 -7.02
N LEU A 29 -4.58 15.32 -7.90
CA LEU A 29 -5.91 14.76 -8.29
C LEU A 29 -6.58 14.15 -7.06
N GLY A 30 -5.83 13.38 -6.27
CA GLY A 30 -6.38 12.85 -5.03
C GLY A 30 -6.78 13.94 -4.06
N GLY A 31 -5.92 14.92 -3.83
CA GLY A 31 -6.25 16.07 -2.96
C GLY A 31 -7.54 16.76 -3.39
N ILE A 32 -7.72 16.97 -4.69
CA ILE A 32 -8.92 17.71 -5.19
C ILE A 32 -10.17 16.89 -4.87
N ALA A 33 -10.15 15.58 -5.12
CA ALA A 33 -11.28 14.68 -4.82
C ALA A 33 -11.58 14.70 -3.32
N ILE A 34 -10.53 14.57 -2.51
CA ILE A 34 -10.65 14.49 -1.03
C ILE A 34 -11.33 15.77 -0.52
N LYS A 35 -10.82 16.92 -0.95
CA LYS A 35 -11.34 18.25 -0.51
C LYS A 35 -12.83 18.38 -0.90
N ALA A 36 -13.21 18.00 -2.11
CA ALA A 36 -14.62 18.08 -2.58
C ALA A 36 -15.47 17.14 -1.73
N ALA A 37 -14.95 15.96 -1.34
CA ALA A 37 -15.71 14.99 -0.54
C ALA A 37 -15.93 15.56 0.86
N LEU A 38 -14.92 16.20 1.43
CA LEU A 38 -15.06 16.77 2.79
C LEU A 38 -16.09 17.91 2.77
N GLU A 39 -16.06 18.79 1.77
CA GLU A 39 -17.02 19.91 1.60
C GLU A 39 -18.41 19.29 1.49
N ARG A 40 -18.58 18.32 0.60
CA ARG A 40 -19.91 17.73 0.34
C ARG A 40 -20.41 16.99 1.59
N ALA A 41 -19.52 16.43 2.39
CA ALA A 41 -19.91 15.73 3.64
C ALA A 41 -20.24 16.75 4.73
N ASN A 42 -19.81 18.00 4.59
CA ASN A 42 -19.79 19.00 5.69
C ASN A 42 -18.96 18.43 6.85
N VAL A 43 -17.77 17.96 6.55
CA VAL A 43 -16.85 17.41 7.59
C VAL A 43 -15.63 18.33 7.59
N ALA A 44 -15.21 18.81 8.75
CA ALA A 44 -13.96 19.61 8.87
C ALA A 44 -12.79 18.65 8.59
N ALA A 45 -11.82 19.12 7.82
CA ALA A 45 -10.58 18.39 7.48
C ALA A 45 -9.91 17.90 8.76
N SER A 46 -9.87 18.73 9.79
CA SER A 46 -9.20 18.47 11.10
C SER A 46 -9.88 17.33 11.88
N ASP A 47 -11.10 16.95 11.54
CA ASP A 47 -11.85 15.87 12.23
C ASP A 47 -11.58 14.50 11.56
N VAL A 48 -10.90 14.47 10.41
CA VAL A 48 -10.62 13.19 9.70
C VAL A 48 -9.67 12.40 10.61
N GLU A 49 -9.86 11.09 10.76
CA GLU A 49 -9.04 10.30 11.72
C GLU A 49 -7.99 9.49 10.96
N GLU A 50 -8.27 9.17 9.72
CA GLU A 50 -7.34 8.38 8.89
C GLU A 50 -7.64 8.66 7.43
N VAL A 51 -6.59 8.67 6.61
CA VAL A 51 -6.70 8.69 5.13
C VAL A 51 -6.09 7.40 4.58
N ILE A 52 -6.90 6.64 3.86
CA ILE A 52 -6.48 5.37 3.20
C ILE A 52 -6.65 5.58 1.70
N PHE A 53 -5.54 5.66 0.96
CA PHE A 53 -5.57 6.05 -0.46
C PHE A 53 -4.79 5.06 -1.33
N GLY A 54 -5.44 4.64 -2.41
CA GLY A 54 -4.88 3.73 -3.42
C GLY A 54 -4.12 4.47 -4.49
N THR A 55 -2.98 3.91 -4.88
CA THR A 55 -2.27 4.30 -6.13
C THR A 55 -1.35 3.15 -6.48
N VAL A 56 -1.22 2.88 -7.77
CA VAL A 56 -0.53 1.65 -8.25
C VAL A 56 0.89 1.98 -8.70
N ILE A 57 1.06 3.02 -9.50
CA ILE A 57 2.41 3.33 -10.06
C ILE A 57 3.05 4.35 -9.12
N GLN A 58 3.56 3.87 -7.98
CA GLN A 58 4.06 4.75 -6.88
C GLN A 58 5.45 5.25 -7.20
N GLY A 59 6.20 4.52 -8.03
CA GLY A 59 7.57 4.90 -8.38
C GLY A 59 7.66 6.34 -8.84
N GLY A 60 8.34 7.16 -8.06
CA GLY A 60 8.63 8.55 -8.42
C GLY A 60 7.57 9.51 -7.92
N GLN A 61 6.53 9.03 -7.23
CA GLN A 61 5.51 9.93 -6.64
C GLN A 61 6.04 10.59 -5.35
N GLY A 62 7.13 10.07 -4.77
CA GLY A 62 7.67 10.54 -3.49
C GLY A 62 7.08 9.78 -2.31
N GLN A 63 7.62 10.04 -1.13
CA GLN A 63 7.22 9.40 0.16
C GLN A 63 5.71 9.41 0.32
N ILE A 64 5.19 8.24 0.70
CA ILE A 64 3.78 7.95 1.07
C ILE A 64 2.85 8.91 0.35
N PRO A 65 2.51 8.58 -0.90
CA PRO A 65 1.61 9.41 -1.71
C PRO A 65 0.29 9.77 -1.03
N SER A 66 -0.28 8.90 -0.20
CA SER A 66 -1.59 9.18 0.48
C SER A 66 -1.49 10.46 1.33
N ARG A 67 -0.32 10.66 1.93
CA ARG A 67 -0.06 11.83 2.82
C ARG A 67 -0.01 13.12 2.01
N GLN A 68 0.62 13.03 0.82
CA GLN A 68 0.69 14.15 -0.13
C GLN A 68 -0.72 14.54 -0.57
N ALA A 69 -1.57 13.57 -0.84
CA ALA A 69 -2.97 13.81 -1.25
C ALA A 69 -3.79 14.39 -0.08
N ALA A 70 -3.54 13.90 1.13
CA ALA A 70 -4.22 14.37 2.35
C ALA A 70 -3.83 15.85 2.56
N ARG A 71 -2.55 16.15 2.43
CA ARG A 71 -2.05 17.53 2.67
C ARG A 71 -2.53 18.44 1.53
N ALA A 72 -2.47 18.01 0.26
CA ALA A 72 -3.03 18.76 -0.90
C ALA A 72 -4.52 19.08 -0.69
N ALA A 73 -5.25 18.28 0.12
CA ALA A 73 -6.69 18.47 0.43
C ALA A 73 -6.91 19.47 1.58
N GLY A 74 -5.84 19.86 2.28
CA GLY A 74 -5.89 20.71 3.48
C GLY A 74 -6.11 19.89 4.73
N ILE A 75 -5.98 18.57 4.68
CA ILE A 75 -6.07 17.72 5.90
C ILE A 75 -4.82 17.97 6.73
N PRO A 76 -4.95 18.29 8.03
CA PRO A 76 -3.78 18.68 8.83
C PRO A 76 -2.78 17.54 9.03
N TRP A 77 -1.54 17.89 9.34
CA TRP A 77 -0.43 16.92 9.60
C TRP A 77 -0.81 15.85 10.62
N GLU A 78 -1.74 16.14 11.54
CA GLU A 78 -2.00 15.27 12.72
C GLU A 78 -2.79 14.01 12.31
N VAL A 79 -3.30 13.95 11.08
CA VAL A 79 -4.13 12.81 10.62
C VAL A 79 -3.22 11.74 10.00
N GLN A 80 -3.40 10.50 10.44
CA GLN A 80 -2.61 9.33 10.00
C GLN A 80 -3.06 8.89 8.61
N THR A 81 -2.14 8.26 7.89
CA THR A 81 -2.42 7.82 6.50
C THR A 81 -1.55 6.63 6.13
N GLU A 82 -2.09 5.80 5.27
CA GLU A 82 -1.42 4.67 4.58
C GLU A 82 -1.72 4.77 3.09
N THR A 83 -0.78 4.38 2.23
CA THR A 83 -1.02 4.13 0.80
C THR A 83 -1.19 2.61 0.57
N VAL A 84 -2.20 2.23 -0.18
CA VAL A 84 -2.50 0.81 -0.44
C VAL A 84 -2.38 0.53 -1.94
N ASN A 85 -1.97 -0.69 -2.25
CA ASN A 85 -1.80 -1.13 -3.65
C ASN A 85 -2.44 -2.50 -3.78
N LYS A 86 -3.58 -2.57 -4.48
CA LYS A 86 -4.19 -3.85 -4.94
C LYS A 86 -4.48 -3.67 -6.45
N VAL A 87 -3.48 -3.14 -7.20
CA VAL A 87 -3.54 -2.82 -8.66
C VAL A 87 -4.90 -2.16 -8.94
N CYS A 88 -5.68 -2.63 -9.93
CA CYS A 88 -6.98 -2.01 -10.33
C CYS A 88 -7.94 -1.92 -9.12
N ALA A 89 -7.78 -2.74 -8.08
CA ALA A 89 -8.75 -2.76 -6.96
C ALA A 89 -8.36 -1.73 -5.90
N SER A 90 -7.19 -1.09 -6.03
CA SER A 90 -6.57 -0.24 -4.98
C SER A 90 -7.59 0.72 -4.36
N GLY A 91 -8.33 1.45 -5.22
CA GLY A 91 -9.29 2.49 -4.83
C GLY A 91 -10.49 1.92 -4.09
N LEU A 92 -10.89 0.71 -4.46
CA LEU A 92 -12.01 -0.01 -3.83
C LEU A 92 -11.52 -0.62 -2.52
N ARG A 93 -10.32 -1.19 -2.51
CA ARG A 93 -9.81 -1.86 -1.29
C ARG A 93 -9.59 -0.81 -0.19
N ALA A 94 -9.15 0.39 -0.55
CA ALA A 94 -9.05 1.53 0.40
C ALA A 94 -10.39 1.71 1.11
N VAL A 95 -11.50 1.63 0.38
CA VAL A 95 -12.86 1.87 0.92
C VAL A 95 -13.27 0.71 1.83
N THR A 96 -13.03 -0.53 1.40
CA THR A 96 -13.44 -1.72 2.17
C THR A 96 -12.52 -1.84 3.39
N LEU A 97 -11.24 -1.46 3.28
CA LEU A 97 -10.37 -1.39 4.50
C LEU A 97 -10.93 -0.35 5.48
N ALA A 98 -11.30 0.83 5.01
CA ALA A 98 -11.94 1.87 5.86
C ALA A 98 -13.15 1.25 6.57
N ASP A 99 -13.99 0.52 5.85
CA ASP A 99 -15.22 -0.10 6.42
C ASP A 99 -14.79 -1.02 7.59
N GLN A 100 -13.76 -1.80 7.37
CA GLN A 100 -13.26 -2.78 8.37
C GLN A 100 -12.77 -2.03 9.60
N ILE A 101 -11.92 -1.03 9.41
CA ILE A 101 -11.35 -0.24 10.54
C ILE A 101 -12.48 0.41 11.36
N ILE A 102 -13.43 1.02 10.68
CA ILE A 102 -14.59 1.66 11.35
C ILE A 102 -15.40 0.60 12.12
N ARG A 103 -15.60 -0.59 11.57
CA ARG A 103 -16.36 -1.68 12.22
C ARG A 103 -15.61 -2.20 13.47
N THR A 104 -14.31 -1.97 13.62
CA THR A 104 -13.59 -2.32 14.89
C THR A 104 -13.87 -1.26 15.97
N GLY A 105 -14.33 -0.06 15.61
CA GLY A 105 -14.39 1.06 16.56
C GLY A 105 -13.08 1.78 16.75
N ASP A 106 -11.95 1.31 16.16
CA ASP A 106 -10.64 2.00 16.31
C ASP A 106 -10.72 3.42 15.80
N GLN A 107 -11.55 3.69 14.79
CA GLN A 107 -11.75 5.06 14.24
C GLN A 107 -13.19 5.14 13.81
N SER A 108 -13.75 6.33 13.63
CA SER A 108 -15.18 6.54 13.26
C SER A 108 -15.33 7.44 12.02
N LEU A 109 -14.24 7.99 11.47
CA LEU A 109 -14.32 8.97 10.35
C LEU A 109 -13.04 8.83 9.50
N ILE A 110 -13.17 8.16 8.36
CA ILE A 110 -12.03 7.87 7.45
C ILE A 110 -12.32 8.47 6.06
N VAL A 111 -11.27 9.02 5.43
CA VAL A 111 -11.30 9.36 3.98
C VAL A 111 -10.64 8.21 3.26
N ALA A 112 -11.27 7.68 2.22
CA ALA A 112 -10.77 6.57 1.40
C ALA A 112 -10.96 6.87 -0.07
N GLY A 113 -10.06 6.37 -0.90
CA GLY A 113 -10.18 6.53 -2.35
C GLY A 113 -8.92 6.13 -3.07
N GLY A 114 -8.76 6.71 -4.25
CA GLY A 114 -7.64 6.38 -5.13
C GLY A 114 -7.31 7.46 -6.11
N MET A 115 -6.13 7.30 -6.71
CA MET A 115 -5.58 8.31 -7.61
C MET A 115 -4.56 7.63 -8.52
N GLU A 116 -4.47 8.11 -9.74
CA GLU A 116 -3.43 7.66 -10.67
C GLU A 116 -3.17 8.78 -11.67
N SER A 117 -1.90 8.97 -12.00
CA SER A 117 -1.51 9.83 -13.14
C SER A 117 -0.58 9.01 -14.02
N MET A 118 -1.17 8.25 -14.94
CA MET A 118 -0.38 7.36 -15.84
C MET A 118 0.44 8.22 -16.81
N SER A 119 -0.04 9.42 -17.11
CA SER A 119 0.68 10.49 -17.86
C SER A 119 2.03 10.78 -17.21
N ASN A 120 2.10 10.80 -15.87
CA ASN A 120 3.31 11.27 -15.14
C ASN A 120 4.18 10.10 -14.65
N SER A 121 3.85 8.86 -14.96
CA SER A 121 4.70 7.70 -14.58
C SER A 121 6.06 7.86 -15.24
N PRO A 122 7.16 7.56 -14.53
CA PRO A 122 8.48 7.72 -15.10
C PRO A 122 8.89 6.49 -15.90
N TYR A 123 10.12 6.55 -16.43
CA TYR A 123 10.83 5.40 -17.02
C TYR A 123 11.91 5.01 -16.01
N ILE A 124 12.33 3.76 -16.01
CA ILE A 124 13.34 3.29 -15.05
C ILE A 124 14.50 2.65 -15.79
N LEU A 125 15.61 2.61 -15.07
CA LEU A 125 16.85 1.95 -15.49
C LEU A 125 17.21 0.95 -14.40
N ARG A 126 17.05 -0.34 -14.70
CA ARG A 126 17.59 -1.43 -13.85
C ARG A 126 19.02 -1.63 -14.33
N GLY A 127 19.98 -1.89 -13.46
CA GLY A 127 21.35 -2.18 -13.92
C GLY A 127 22.28 -0.98 -13.82
N ALA A 128 21.77 0.26 -13.92
CA ALA A 128 22.55 1.53 -13.81
C ALA A 128 23.18 1.71 -12.41
N ARG A 129 22.56 1.17 -11.35
CA ARG A 129 23.04 1.34 -9.97
C ARG A 129 24.38 0.63 -9.80
N TRP A 130 24.48 -0.61 -10.27
CA TRP A 130 25.71 -1.46 -10.07
C TRP A 130 26.49 -1.55 -11.37
N GLY A 131 25.88 -1.07 -12.46
CA GLY A 131 26.58 -0.77 -13.72
C GLY A 131 26.25 -1.80 -14.79
N TYR A 132 26.04 -1.35 -16.02
CA TYR A 132 25.76 -2.24 -17.18
C TYR A 132 27.03 -2.96 -17.64
N ARG A 133 28.19 -2.37 -17.42
CA ARG A 133 29.51 -2.91 -17.84
C ARG A 133 29.63 -2.84 -19.37
N MET A 134 28.87 -3.65 -20.12
CA MET A 134 28.83 -3.56 -21.61
C MET A 134 27.55 -4.18 -22.14
N GLY A 135 27.17 -3.80 -23.35
CA GLY A 135 25.98 -4.32 -24.04
C GLY A 135 24.79 -3.44 -23.76
N ASN A 136 23.82 -3.47 -24.66
CA ASN A 136 22.63 -2.60 -24.58
C ASN A 136 21.72 -3.17 -23.50
N ASN A 137 20.90 -2.32 -22.93
CA ASN A 137 19.94 -2.69 -21.86
C ASN A 137 18.62 -2.01 -22.18
N GLU A 138 17.61 -2.07 -21.32
CA GLU A 138 16.32 -1.42 -21.67
C GLU A 138 16.01 -0.28 -20.70
N VAL A 139 15.27 0.69 -21.20
CA VAL A 139 14.69 1.77 -20.37
C VAL A 139 13.21 1.41 -20.34
N ILE A 140 12.68 1.24 -19.14
CA ILE A 140 11.41 0.50 -18.93
C ILE A 140 10.31 1.49 -18.53
N ASP A 141 9.20 1.40 -19.23
CA ASP A 141 8.02 2.24 -18.99
C ASP A 141 7.41 1.71 -17.68
N LEU A 142 7.36 2.53 -16.62
CA LEU A 142 6.95 2.04 -15.28
C LEU A 142 5.47 1.66 -15.28
N ASN A 143 4.66 2.27 -16.12
CA ASN A 143 3.26 1.83 -16.36
C ASN A 143 3.24 0.37 -16.81
N VAL A 144 4.11 0.00 -17.75
CA VAL A 144 4.19 -1.37 -18.31
C VAL A 144 4.71 -2.32 -17.23
N ALA A 145 5.78 -1.94 -16.50
CA ALA A 145 6.49 -2.84 -15.55
C ALA A 145 5.69 -3.08 -14.27
N ASP A 146 4.99 -2.07 -13.78
CA ASP A 146 4.34 -2.15 -12.44
C ASP A 146 2.82 -2.21 -12.59
N GLY A 147 2.26 -1.88 -13.74
CA GLY A 147 0.78 -1.81 -13.91
C GLY A 147 0.24 -2.79 -14.95
N LEU A 148 0.85 -2.86 -16.14
CA LEU A 148 0.17 -3.43 -17.34
C LEU A 148 0.69 -4.83 -17.66
N THR A 149 1.68 -5.34 -16.96
CA THR A 149 2.24 -6.67 -17.27
C THR A 149 2.32 -7.49 -15.98
N CYS A 150 2.10 -8.79 -16.13
CA CYS A 150 2.09 -9.80 -15.05
C CYS A 150 3.53 -9.92 -14.52
N ALA A 151 3.66 -9.89 -13.21
CA ALA A 151 4.96 -9.91 -12.53
C ALA A 151 5.60 -11.28 -12.68
N PHE A 152 4.79 -12.29 -12.98
CA PHE A 152 5.23 -13.71 -13.05
C PHE A 152 5.68 -14.01 -14.47
N SER A 153 4.85 -13.71 -15.48
CA SER A 153 5.07 -14.15 -16.89
C SER A 153 5.62 -13.01 -17.75
N GLY A 154 5.47 -11.74 -17.36
CA GLY A 154 5.78 -10.58 -18.22
C GLY A 154 4.68 -10.31 -19.24
N THR A 155 3.62 -11.09 -19.29
CA THR A 155 2.58 -10.95 -20.32
C THR A 155 1.72 -9.71 -20.06
N HIS A 156 1.29 -9.01 -21.09
CA HIS A 156 0.42 -7.82 -20.94
C HIS A 156 -0.98 -8.27 -20.53
N MET A 157 -1.62 -7.50 -19.64
CA MET A 157 -3.02 -7.75 -19.20
C MET A 157 -3.93 -7.92 -20.41
N GLY A 158 -3.66 -7.15 -21.47
CA GLY A 158 -4.43 -7.15 -22.72
C GLY A 158 -4.37 -8.50 -23.44
N VAL A 159 -3.28 -9.27 -23.27
CA VAL A 159 -3.14 -10.63 -23.85
C VAL A 159 -4.07 -11.56 -23.06
N TYR A 160 -4.17 -11.39 -21.74
CA TYR A 160 -5.01 -12.25 -20.86
C TYR A 160 -6.47 -11.92 -21.16
N GLY A 161 -6.77 -10.64 -21.36
CA GLY A 161 -8.12 -10.20 -21.75
C GLY A 161 -8.59 -10.89 -23.02
N GLY A 162 -7.76 -10.89 -24.07
CA GLY A 162 -8.03 -11.56 -25.35
C GLY A 162 -8.15 -13.06 -25.21
N GLU A 163 -7.30 -13.70 -24.40
CA GLU A 163 -7.31 -15.18 -24.18
C GLU A 163 -8.65 -15.56 -23.51
N VAL A 164 -9.15 -14.75 -22.59
CA VAL A 164 -10.41 -15.06 -21.86
C VAL A 164 -11.60 -14.86 -22.78
N ALA A 165 -11.63 -13.76 -23.52
CA ALA A 165 -12.64 -13.47 -24.57
C ALA A 165 -12.73 -14.66 -25.56
N LYS A 166 -11.58 -15.17 -26.00
CA LYS A 166 -11.45 -16.35 -26.93
C LYS A 166 -12.04 -17.60 -26.26
N GLU A 167 -11.61 -17.95 -25.05
CA GLU A 167 -12.07 -19.15 -24.29
C GLU A 167 -13.55 -19.06 -23.92
N ASP A 168 -14.05 -17.86 -23.62
CA ASP A 168 -15.47 -17.60 -23.24
C ASP A 168 -16.35 -17.48 -24.49
N GLY A 169 -15.78 -17.50 -25.70
CA GLY A 169 -16.51 -17.39 -26.97
C GLY A 169 -17.17 -16.03 -27.17
N ILE A 170 -16.52 -14.94 -26.73
CA ILE A 170 -17.07 -13.55 -26.89
C ILE A 170 -16.46 -12.94 -28.15
N SER A 171 -17.30 -12.67 -29.14
CA SER A 171 -16.87 -12.28 -30.50
C SER A 171 -16.27 -10.88 -30.47
N ARG A 172 -15.46 -10.57 -31.48
CA ARG A 172 -15.03 -9.19 -31.80
C ARG A 172 -16.25 -8.29 -31.86
N GLU A 173 -17.31 -8.73 -32.53
CA GLU A 173 -18.51 -7.89 -32.79
C GLU A 173 -19.22 -7.57 -31.47
N ALA A 174 -19.35 -8.53 -30.55
CA ALA A 174 -19.99 -8.31 -29.23
C ALA A 174 -19.19 -7.26 -28.43
N GLN A 175 -17.85 -7.33 -28.52
CA GLN A 175 -16.96 -6.42 -27.76
C GLN A 175 -17.11 -5.00 -28.32
N ASP A 176 -17.21 -4.85 -29.64
CA ASP A 176 -17.30 -3.53 -30.29
C ASP A 176 -18.69 -2.95 -29.98
N GLU A 177 -19.72 -3.80 -29.90
CA GLU A 177 -21.08 -3.35 -29.50
C GLU A 177 -21.07 -2.83 -28.07
N TRP A 178 -20.39 -3.52 -27.16
CA TRP A 178 -20.31 -3.04 -25.77
C TRP A 178 -19.55 -1.72 -25.72
N ALA A 179 -18.40 -1.63 -26.40
CA ALA A 179 -17.60 -0.39 -26.49
C ALA A 179 -18.51 0.74 -26.96
N TYR A 180 -19.27 0.53 -28.04
CA TYR A 180 -20.16 1.57 -28.61
C TYR A 180 -21.17 2.02 -27.55
N ARG A 181 -21.84 1.05 -26.92
CA ARG A 181 -22.84 1.28 -25.86
C ARG A 181 -22.18 2.04 -24.70
N SER A 182 -20.93 1.73 -24.35
CA SER A 182 -20.23 2.39 -23.21
C SER A 182 -20.01 3.85 -23.56
N HIS A 183 -19.56 4.15 -24.79
CA HIS A 183 -19.36 5.53 -25.31
C HIS A 183 -20.70 6.27 -25.31
N GLN A 184 -21.76 5.65 -25.83
CA GLN A 184 -23.09 6.33 -26.00
C GLN A 184 -23.68 6.66 -24.63
N ARG A 185 -23.56 5.77 -23.65
CA ARG A 185 -24.08 6.02 -22.26
C ARG A 185 -23.24 7.08 -21.55
N ALA A 186 -21.92 7.16 -21.77
CA ALA A 186 -21.06 8.18 -21.12
C ALA A 186 -21.38 9.57 -21.70
N VAL A 187 -21.52 9.67 -23.03
CA VAL A 187 -21.79 10.98 -23.70
C VAL A 187 -23.18 11.45 -23.26
N SER A 188 -24.16 10.55 -23.31
CA SER A 188 -25.55 10.80 -22.83
C SER A 188 -25.56 11.27 -21.39
N ALA A 189 -24.90 10.54 -20.47
CA ALA A 189 -24.85 10.91 -19.04
C ALA A 189 -24.31 12.33 -18.92
N HIS A 190 -23.21 12.62 -19.62
CA HIS A 190 -22.57 13.96 -19.59
C HIS A 190 -23.55 15.03 -20.10
N LYS A 191 -24.11 14.82 -21.30
CA LYS A 191 -25.01 15.83 -21.95
C LYS A 191 -26.20 16.15 -21.04
N GLU A 192 -26.79 15.12 -20.40
CA GLU A 192 -28.06 15.19 -19.63
C GLU A 192 -27.80 15.58 -18.16
N GLY A 193 -26.53 15.81 -17.79
CA GLY A 193 -26.13 16.35 -16.47
C GLY A 193 -25.99 15.26 -15.41
N ARG A 194 -25.91 13.99 -15.78
CA ARG A 194 -25.86 12.85 -14.81
C ARG A 194 -24.44 12.69 -14.20
N PHE A 195 -23.43 13.46 -14.62
CA PHE A 195 -22.08 13.47 -13.99
C PHE A 195 -21.83 14.79 -13.24
N GLU A 196 -22.74 15.75 -13.38
CA GLU A 196 -22.59 17.12 -12.80
C GLU A 196 -22.39 16.98 -11.28
N GLU A 197 -23.15 16.13 -10.59
CA GLU A 197 -23.13 16.09 -9.10
C GLU A 197 -21.83 15.44 -8.58
N GLU A 198 -21.33 14.39 -9.23
CA GLU A 198 -20.20 13.61 -8.69
C GLU A 198 -18.85 14.28 -9.02
N ILE A 199 -18.75 15.01 -10.13
CA ILE A 199 -17.45 15.58 -10.62
C ILE A 199 -17.08 16.80 -9.80
N VAL A 200 -15.82 16.88 -9.38
CA VAL A 200 -15.18 18.12 -8.94
C VAL A 200 -14.23 18.50 -10.07
N PRO A 201 -14.45 19.67 -10.70
CA PRO A 201 -13.57 20.16 -11.75
C PRO A 201 -12.11 20.33 -11.27
N VAL A 202 -11.17 20.22 -12.18
CA VAL A 202 -9.75 20.49 -11.87
C VAL A 202 -9.32 21.82 -12.49
N THR A 203 -8.80 22.73 -11.67
CA THR A 203 -8.26 24.05 -12.08
C THR A 203 -6.73 23.94 -12.17
N ILE A 204 -6.19 24.24 -13.34
CA ILE A 204 -4.73 24.11 -13.64
C ILE A 204 -4.20 25.52 -13.85
N PRO A 205 -3.49 26.11 -12.85
CA PRO A 205 -2.82 27.40 -12.99
C PRO A 205 -2.02 27.44 -14.30
N GLN A 206 -1.96 28.59 -14.96
CA GLN A 206 -1.49 28.65 -16.38
C GLN A 206 -0.30 29.60 -16.52
N ARG A 207 0.62 29.23 -17.43
CA ARG A 207 1.71 30.10 -17.96
C ARG A 207 1.07 31.37 -18.53
N LYS A 208 -0.05 31.21 -19.24
CA LYS A 208 -0.96 32.30 -19.68
C LYS A 208 -1.59 32.97 -18.44
N GLY A 209 -2.70 33.70 -18.59
CA GLY A 209 -3.33 34.49 -17.51
C GLY A 209 -4.45 33.72 -16.82
N ASP A 210 -5.36 33.11 -17.60
CA ASP A 210 -6.60 32.44 -17.11
C ASP A 210 -6.31 30.95 -16.82
N PRO A 211 -6.87 30.37 -15.74
CA PRO A 211 -6.58 28.97 -15.40
C PRO A 211 -7.38 28.04 -16.30
N ILE A 212 -6.87 26.85 -16.63
CA ILE A 212 -7.64 25.83 -17.38
C ILE A 212 -8.55 25.10 -16.38
N VAL A 213 -9.85 25.05 -16.64
CA VAL A 213 -10.84 24.26 -15.84
C VAL A 213 -11.17 22.99 -16.63
N VAL A 214 -10.85 21.82 -16.10
CA VAL A 214 -11.26 20.49 -16.67
C VAL A 214 -12.48 20.01 -15.89
N ALA A 215 -13.65 19.96 -16.52
CA ALA A 215 -14.94 19.66 -15.85
C ALA A 215 -15.57 18.42 -16.48
N LYS A 216 -14.96 17.88 -17.52
CA LYS A 216 -15.61 16.81 -18.33
C LYS A 216 -14.62 15.67 -18.52
N ASP A 217 -15.12 14.43 -18.50
CA ASP A 217 -14.34 13.22 -18.85
C ASP A 217 -13.88 13.34 -20.29
N GLU A 218 -12.59 13.15 -20.48
CA GLU A 218 -11.95 13.44 -21.79
C GLU A 218 -12.25 12.32 -22.80
N ALA A 219 -12.28 11.04 -22.38
CA ALA A 219 -12.16 9.88 -23.31
C ALA A 219 -13.48 9.55 -24.04
N PRO A 220 -14.70 9.80 -23.51
CA PRO A 220 -15.90 9.49 -24.28
C PRO A 220 -15.92 10.18 -25.66
N ARG A 221 -16.31 9.43 -26.69
CA ARG A 221 -16.39 9.90 -28.10
C ARG A 221 -17.85 9.85 -28.56
N GLU A 222 -18.45 11.02 -28.75
CA GLU A 222 -19.79 11.15 -29.36
C GLU A 222 -19.78 10.54 -30.77
N ASP A 223 -18.66 10.63 -31.49
CA ASP A 223 -18.58 10.28 -32.93
C ASP A 223 -18.11 8.83 -33.13
N THR A 224 -17.96 8.00 -32.08
CA THR A 224 -17.50 6.60 -32.34
C THR A 224 -18.72 5.81 -32.83
N THR A 225 -18.48 4.82 -33.70
CA THR A 225 -19.52 3.98 -34.31
C THR A 225 -19.00 2.56 -34.43
N ILE A 226 -19.92 1.62 -34.60
CA ILE A 226 -19.64 0.16 -34.80
C ILE A 226 -18.69 0.02 -36.00
N GLU A 227 -18.93 0.81 -37.03
CA GLU A 227 -18.16 0.77 -38.31
C GLU A 227 -16.68 1.12 -38.00
N LYS A 228 -16.43 2.20 -37.28
CA LYS A 228 -15.06 2.68 -36.93
C LYS A 228 -14.37 1.65 -36.04
N LEU A 229 -15.11 1.09 -35.07
CA LEU A 229 -14.55 0.11 -34.12
C LEU A 229 -14.13 -1.17 -34.85
N ALA A 230 -14.93 -1.63 -35.81
CA ALA A 230 -14.67 -2.86 -36.61
C ALA A 230 -13.41 -2.68 -37.47
N LYS A 231 -13.08 -1.45 -37.88
CA LYS A 231 -11.84 -1.12 -38.65
C LYS A 231 -10.57 -1.28 -37.79
N LEU A 232 -10.62 -1.16 -36.46
CA LEU A 232 -9.38 -1.16 -35.62
C LEU A 232 -8.70 -2.54 -35.61
N LYS A 233 -7.39 -2.54 -35.43
CA LYS A 233 -6.57 -3.77 -35.47
C LYS A 233 -6.41 -4.30 -34.05
N PRO A 234 -6.42 -5.64 -33.87
CA PRO A 234 -5.91 -6.27 -32.66
C PRO A 234 -4.62 -5.61 -32.16
N VAL A 235 -4.53 -5.27 -30.87
CA VAL A 235 -3.39 -4.45 -30.38
C VAL A 235 -2.29 -5.36 -29.79
N PHE A 236 -2.62 -6.45 -29.09
CA PHE A 236 -1.65 -7.28 -28.31
C PHE A 236 -1.30 -8.58 -29.04
N ASP A 237 -2.15 -9.04 -29.96
CA ASP A 237 -1.98 -10.29 -30.73
C ASP A 237 -2.93 -10.25 -31.92
N LYS A 238 -2.39 -10.51 -33.12
CA LYS A 238 -3.02 -10.24 -34.45
C LYS A 238 -4.15 -11.25 -34.67
N THR A 239 -4.17 -12.34 -33.90
CA THR A 239 -5.24 -13.38 -33.94
C THR A 239 -6.32 -13.08 -32.88
N ALA A 240 -6.15 -12.11 -31.97
CA ALA A 240 -7.10 -11.86 -30.86
C ALA A 240 -8.13 -10.80 -31.25
N THR A 241 -9.08 -10.51 -30.37
CA THR A 241 -10.22 -9.58 -30.61
C THR A 241 -10.08 -8.24 -29.86
N VAL A 242 -9.06 -8.08 -29.03
CA VAL A 242 -8.90 -6.88 -28.16
C VAL A 242 -8.19 -5.76 -28.95
N THR A 243 -8.84 -4.60 -29.05
CA THR A 243 -8.33 -3.43 -29.78
C THR A 243 -8.27 -2.22 -28.83
N ALA A 244 -7.73 -1.10 -29.31
CA ALA A 244 -7.71 0.20 -28.60
C ALA A 244 -9.14 0.69 -28.35
N GLY A 245 -10.12 0.23 -29.15
CA GLY A 245 -11.50 0.75 -29.13
C GLY A 245 -12.41 0.01 -28.16
N ASN A 246 -12.07 -1.24 -27.84
CA ASN A 246 -12.86 -2.15 -26.98
C ASN A 246 -12.04 -2.49 -25.71
N ALA A 247 -10.93 -1.80 -25.49
CA ALA A 247 -10.18 -1.84 -24.23
C ALA A 247 -10.05 -0.42 -23.72
N PRO A 248 -10.08 -0.21 -22.39
CA PRO A 248 -9.88 1.12 -21.81
C PRO A 248 -8.46 1.59 -22.11
N GLY A 249 -8.23 2.90 -21.99
CA GLY A 249 -6.92 3.53 -22.15
C GLY A 249 -6.09 3.47 -20.87
N LEU A 250 -4.96 4.17 -20.94
CA LEU A 250 -4.13 4.67 -19.81
C LEU A 250 -4.69 6.05 -19.47
N ASN A 251 -4.95 6.35 -18.19
CA ASN A 251 -5.75 7.56 -17.83
C ASN A 251 -5.29 8.15 -16.52
N ASP A 252 -5.78 9.34 -16.25
CA ASP A 252 -5.43 10.12 -15.03
C ASP A 252 -6.72 10.47 -14.33
N GLY A 253 -6.77 10.31 -13.01
CA GLY A 253 -7.98 10.60 -12.23
C GLY A 253 -7.80 10.40 -10.74
N GLY A 254 -8.74 10.99 -10.00
CA GLY A 254 -8.82 10.92 -8.53
C GLY A 254 -10.26 10.70 -8.10
N ALA A 255 -10.45 9.94 -7.03
CA ALA A 255 -11.78 9.66 -6.45
C ALA A 255 -11.63 9.51 -4.95
N ALA A 256 -12.60 10.02 -4.19
CA ALA A 256 -12.59 10.04 -2.71
C ALA A 256 -14.00 9.88 -2.16
N LEU A 257 -14.08 9.19 -1.02
CA LEU A 257 -15.32 9.04 -0.21
C LEU A 257 -14.99 9.36 1.25
N VAL A 258 -15.98 9.88 1.95
CA VAL A 258 -15.92 10.12 3.42
C VAL A 258 -16.78 9.04 4.07
N LEU A 259 -16.17 8.23 4.95
CA LEU A 259 -16.85 7.11 5.65
C LEU A 259 -17.00 7.49 7.13
N MET A 260 -18.11 7.08 7.74
CA MET A 260 -18.37 7.37 9.17
C MET A 260 -19.13 6.20 9.74
N SER A 261 -18.91 5.88 11.02
CA SER A 261 -19.74 4.91 11.77
C SER A 261 -21.19 5.35 11.67
N GLU A 262 -22.06 4.38 11.45
CA GLU A 262 -23.53 4.58 11.42
C GLU A 262 -23.94 5.31 12.71
N ASP A 263 -23.41 4.88 13.86
CA ASP A 263 -23.79 5.37 15.22
C ASP A 263 -23.41 6.84 15.34
N ARG A 264 -22.19 7.21 14.92
CA ARG A 264 -21.73 8.61 15.00
C ARG A 264 -22.56 9.47 14.05
N ALA A 265 -22.83 8.99 12.83
CA ALA A 265 -23.62 9.77 11.85
C ALA A 265 -25.02 10.02 12.43
N LYS A 266 -25.67 8.99 13.01
CA LYS A 266 -26.97 9.09 13.71
C LYS A 266 -26.91 10.20 14.76
N GLN A 267 -25.95 10.11 15.67
CA GLN A 267 -25.82 11.05 16.81
C GLN A 267 -25.58 12.46 16.30
N GLU A 268 -24.77 12.64 15.24
CA GLU A 268 -24.51 13.99 14.67
C GLU A 268 -25.69 14.49 13.82
N GLY A 269 -26.72 13.67 13.60
CA GLY A 269 -27.90 14.02 12.78
C GLY A 269 -27.56 14.13 11.29
N ARG A 270 -26.58 13.35 10.81
CA ARG A 270 -26.11 13.36 9.40
C ARG A 270 -26.99 12.39 8.61
N LYS A 271 -27.49 12.80 7.44
CA LYS A 271 -28.21 11.87 6.52
C LYS A 271 -27.16 11.30 5.55
N PRO A 272 -26.83 10.01 5.68
CA PRO A 272 -25.76 9.45 4.87
C PRO A 272 -26.20 9.43 3.40
N LEU A 273 -25.24 9.57 2.48
CA LEU A 273 -25.48 9.35 1.05
C LEU A 273 -25.80 7.87 0.80
N ALA A 274 -25.06 6.96 1.43
CA ALA A 274 -25.23 5.50 1.22
C ALA A 274 -24.70 4.74 2.43
N THR A 275 -25.01 3.45 2.50
CA THR A 275 -24.55 2.55 3.56
C THR A 275 -23.78 1.44 2.87
N ILE A 276 -22.67 1.00 3.47
CA ILE A 276 -21.94 -0.22 3.01
C ILE A 276 -22.60 -1.44 3.68
N LEU A 277 -23.24 -2.31 2.89
CA LEU A 277 -23.92 -3.53 3.41
C LEU A 277 -22.89 -4.64 3.59
N ALA A 278 -21.91 -4.77 2.69
CA ALA A 278 -20.98 -5.91 2.70
C ALA A 278 -19.99 -5.81 1.53
N HIS A 279 -18.94 -6.59 1.62
CA HIS A 279 -17.91 -6.65 0.58
C HIS A 279 -17.24 -8.01 0.68
N THR A 280 -16.62 -8.44 -0.40
CA THR A 280 -15.84 -9.68 -0.42
C THR A 280 -14.80 -9.59 -1.55
N ALA A 281 -13.76 -10.39 -1.43
CA ALA A 281 -12.74 -10.53 -2.48
C ALA A 281 -12.46 -12.01 -2.74
N ILE A 282 -12.07 -12.31 -3.98
CA ILE A 282 -11.63 -13.66 -4.40
C ILE A 282 -10.31 -13.44 -5.14
N ALA A 283 -9.59 -14.52 -5.32
CA ALA A 283 -8.28 -14.50 -5.98
C ALA A 283 -8.19 -15.76 -6.84
N VAL A 284 -7.60 -15.60 -8.02
CA VAL A 284 -7.37 -16.68 -9.00
C VAL A 284 -5.98 -16.45 -9.59
N GLU A 285 -5.54 -17.37 -10.43
CA GLU A 285 -4.23 -17.27 -11.08
C GLU A 285 -4.18 -15.96 -11.89
N SER A 286 -3.01 -15.34 -12.04
CA SER A 286 -2.83 -14.07 -12.80
C SER A 286 -3.61 -14.08 -14.13
N LYS A 287 -3.47 -15.12 -14.95
CA LYS A 287 -4.03 -15.10 -16.33
C LYS A 287 -5.57 -15.09 -16.32
N ASP A 288 -6.22 -15.47 -15.21
CA ASP A 288 -7.70 -15.54 -15.11
C ASP A 288 -8.30 -14.27 -14.50
N PHE A 289 -7.53 -13.19 -14.33
CA PHE A 289 -8.00 -11.94 -13.67
C PHE A 289 -9.26 -11.43 -14.35
N PRO A 290 -9.39 -11.49 -15.69
CA PRO A 290 -10.57 -10.95 -16.36
C PRO A 290 -11.88 -11.67 -15.97
N ARG A 291 -11.79 -12.90 -15.46
CA ARG A 291 -12.97 -13.72 -15.03
C ARG A 291 -13.51 -13.29 -13.66
N THR A 292 -12.75 -12.56 -12.83
CA THR A 292 -13.08 -12.41 -11.39
C THR A 292 -14.35 -11.60 -11.11
N PRO A 293 -14.78 -10.58 -11.88
CA PRO A 293 -15.89 -9.74 -11.41
C PRO A 293 -17.20 -10.50 -11.18
N GLY A 294 -17.59 -11.41 -12.06
CA GLY A 294 -18.80 -12.24 -11.89
C GLY A 294 -18.67 -13.19 -10.71
N TYR A 295 -17.50 -13.80 -10.53
CA TYR A 295 -17.22 -14.65 -9.35
C TYR A 295 -17.38 -13.83 -8.07
N ALA A 296 -16.78 -12.64 -8.00
CA ALA A 296 -16.83 -11.74 -6.83
C ALA A 296 -18.29 -11.35 -6.56
N ILE A 297 -19.05 -11.03 -7.60
CA ILE A 297 -20.49 -10.70 -7.41
C ILE A 297 -21.22 -11.91 -6.81
N ASN A 298 -21.04 -13.10 -7.39
CA ASN A 298 -21.67 -14.36 -6.91
C ASN A 298 -21.25 -14.62 -5.46
N ALA A 299 -19.98 -14.48 -5.12
CA ALA A 299 -19.46 -14.63 -3.75
C ALA A 299 -20.17 -13.65 -2.80
N LEU A 300 -20.39 -12.39 -3.20
CA LEU A 300 -21.06 -11.35 -2.37
C LEU A 300 -22.55 -11.65 -2.22
N LEU A 301 -23.20 -12.16 -3.25
CA LEU A 301 -24.65 -12.51 -3.17
C LEU A 301 -24.83 -13.65 -2.16
N GLU A 302 -24.00 -14.70 -2.28
CA GLU A 302 -23.91 -15.84 -1.33
C GLU A 302 -23.65 -15.28 0.08
N LYS A 303 -22.68 -14.38 0.23
CA LYS A 303 -22.36 -13.82 1.56
C LYS A 303 -23.62 -13.13 2.14
N THR A 304 -24.35 -12.31 1.38
CA THR A 304 -25.47 -11.46 1.87
C THR A 304 -26.82 -12.21 1.90
N GLY A 305 -26.89 -13.33 1.18
CA GLY A 305 -28.12 -14.12 0.98
C GLY A 305 -29.08 -13.40 0.04
N LYS A 306 -28.63 -12.33 -0.61
CA LYS A 306 -29.40 -11.64 -1.67
C LYS A 306 -29.29 -12.46 -2.96
N THR A 307 -30.23 -12.26 -3.89
CA THR A 307 -30.18 -12.82 -5.26
C THR A 307 -29.93 -11.66 -6.23
N ILE A 308 -29.46 -11.99 -7.43
CA ILE A 308 -29.16 -10.99 -8.48
C ILE A 308 -30.37 -10.04 -8.64
N GLU A 309 -31.60 -10.55 -8.51
CA GLU A 309 -32.84 -9.73 -8.71
C GLU A 309 -32.99 -8.70 -7.60
N ASP A 310 -32.33 -8.85 -6.46
CA ASP A 310 -32.38 -7.85 -5.36
C ASP A 310 -31.53 -6.63 -5.70
N ILE A 311 -30.68 -6.71 -6.74
CA ILE A 311 -29.71 -5.61 -7.03
C ILE A 311 -30.31 -4.65 -8.05
N ASP A 312 -30.38 -3.35 -7.76
CA ASP A 312 -30.94 -2.33 -8.68
C ASP A 312 -29.93 -1.96 -9.77
N LEU A 313 -28.64 -1.77 -9.45
CA LEU A 313 -27.61 -1.38 -10.45
C LEU A 313 -26.26 -2.05 -10.13
N PHE A 314 -25.46 -2.21 -11.16
CA PHE A 314 -24.10 -2.80 -11.07
C PHE A 314 -23.12 -1.84 -11.73
N GLU A 315 -21.96 -1.70 -11.11
CA GLU A 315 -20.77 -1.15 -11.80
C GLU A 315 -19.73 -2.26 -11.83
N ILE A 316 -19.45 -2.80 -13.02
CA ILE A 316 -18.32 -3.74 -13.24
C ILE A 316 -17.31 -2.92 -14.05
N ASN A 317 -16.12 -2.72 -13.49
CA ASN A 317 -15.08 -1.92 -14.17
C ASN A 317 -14.83 -2.59 -15.53
N GLU A 318 -14.88 -1.83 -16.62
CA GLU A 318 -14.71 -2.35 -18.00
C GLU A 318 -13.22 -2.55 -18.28
N ALA A 319 -12.57 -3.49 -17.58
CA ALA A 319 -11.14 -3.82 -17.76
C ALA A 319 -10.88 -4.08 -19.25
N PHE A 320 -11.79 -4.83 -19.87
CA PHE A 320 -12.04 -4.94 -21.33
C PHE A 320 -13.54 -4.96 -21.54
N ALA A 321 -14.05 -4.61 -22.73
CA ALA A 321 -15.47 -4.82 -23.07
C ALA A 321 -15.82 -6.28 -22.80
N ALA A 322 -14.96 -7.22 -23.19
CA ALA A 322 -15.08 -8.69 -22.99
C ALA A 322 -15.41 -9.03 -21.53
N VAL A 323 -14.92 -8.24 -20.58
CA VAL A 323 -15.07 -8.50 -19.12
C VAL A 323 -16.48 -8.10 -18.70
N ALA A 324 -17.03 -7.01 -19.23
CA ALA A 324 -18.43 -6.63 -18.91
C ALA A 324 -19.35 -7.73 -19.42
N ILE A 325 -19.10 -8.21 -20.65
CA ILE A 325 -19.96 -9.25 -21.31
C ILE A 325 -19.86 -10.57 -20.51
N ALA A 326 -18.65 -11.09 -20.26
CA ALA A 326 -18.41 -12.39 -19.59
C ALA A 326 -19.06 -12.37 -18.20
N SER A 327 -18.75 -11.34 -17.42
CA SER A 327 -19.23 -11.15 -16.03
C SER A 327 -20.76 -11.00 -16.01
N THR A 328 -21.34 -10.49 -17.09
CA THR A 328 -22.81 -10.44 -17.26
C THR A 328 -23.37 -11.87 -17.29
N GLU A 329 -22.75 -12.75 -18.08
CA GLU A 329 -23.16 -14.18 -18.23
C GLU A 329 -22.96 -14.88 -16.88
N ILE A 330 -21.75 -14.82 -16.32
CA ILE A 330 -21.38 -15.56 -15.08
C ILE A 330 -22.36 -15.18 -13.95
N ALA A 331 -22.78 -13.93 -13.83
CA ALA A 331 -23.64 -13.49 -12.70
C ALA A 331 -25.10 -13.37 -13.15
N GLY A 332 -25.39 -13.52 -14.45
CA GLY A 332 -26.77 -13.44 -14.97
C GLY A 332 -27.36 -12.06 -14.76
N ILE A 333 -26.61 -11.03 -15.15
CA ILE A 333 -26.95 -9.60 -14.90
C ILE A 333 -27.68 -9.10 -16.15
N ASP A 334 -28.82 -8.44 -15.95
CA ASP A 334 -29.49 -7.64 -17.01
C ASP A 334 -28.55 -6.50 -17.39
N PRO A 335 -28.04 -6.46 -18.64
CA PRO A 335 -27.12 -5.40 -19.06
C PRO A 335 -27.74 -4.00 -19.00
N GLU A 336 -29.07 -3.89 -18.98
CA GLU A 336 -29.76 -2.59 -18.77
C GLU A 336 -29.51 -2.05 -17.36
N LYS A 337 -28.99 -2.86 -16.43
CA LYS A 337 -28.67 -2.38 -15.06
C LYS A 337 -27.15 -2.32 -14.85
N LEU A 338 -26.35 -2.43 -15.91
CA LEU A 338 -24.87 -2.43 -15.82
C LEU A 338 -24.26 -1.17 -16.43
N ASN A 339 -23.41 -0.47 -15.66
CA ASN A 339 -22.56 0.63 -16.14
C ASN A 339 -23.44 1.59 -16.96
N VAL A 340 -24.55 2.04 -16.35
CA VAL A 340 -25.70 2.68 -17.06
C VAL A 340 -25.33 4.09 -17.53
N ASN A 341 -24.33 4.71 -16.89
CA ASN A 341 -23.80 6.04 -17.29
C ASN A 341 -22.45 5.88 -18.01
N GLY A 342 -22.13 4.68 -18.47
CA GLY A 342 -20.86 4.39 -19.18
C GLY A 342 -19.87 3.71 -18.27
N GLY A 343 -18.74 3.28 -18.81
CA GLY A 343 -17.72 2.57 -18.03
C GLY A 343 -16.37 2.85 -18.65
N ALA A 344 -15.36 2.13 -18.18
CA ALA A 344 -13.94 2.42 -18.43
C ALA A 344 -13.60 2.37 -19.92
N VAL A 345 -14.24 1.52 -20.73
CA VAL A 345 -13.93 1.50 -22.20
C VAL A 345 -14.14 2.92 -22.76
N ALA A 346 -15.22 3.58 -22.38
CA ALA A 346 -15.50 4.96 -22.82
C ALA A 346 -14.74 5.99 -21.95
N MET A 347 -14.73 5.78 -20.64
CA MET A 347 -14.36 6.81 -19.62
C MET A 347 -12.90 6.73 -19.19
N GLY A 348 -12.23 5.62 -19.44
CA GLY A 348 -10.83 5.44 -19.05
C GLY A 348 -10.67 4.61 -17.79
N HIS A 349 -9.45 4.14 -17.55
CA HIS A 349 -9.06 3.28 -16.41
C HIS A 349 -7.80 3.84 -15.76
N PRO A 350 -7.93 4.90 -14.91
CA PRO A 350 -6.81 5.44 -14.13
C PRO A 350 -6.64 4.49 -12.93
N ILE A 351 -5.73 3.52 -13.08
CA ILE A 351 -5.74 2.22 -12.36
C ILE A 351 -6.08 2.42 -10.88
N GLY A 352 -5.30 3.22 -10.17
CA GLY A 352 -5.40 3.34 -8.71
C GLY A 352 -6.67 4.01 -8.25
N ALA A 353 -7.35 4.77 -9.14
CA ALA A 353 -8.57 5.54 -8.82
C ALA A 353 -9.84 4.76 -9.17
N SER A 354 -9.75 3.88 -10.15
CA SER A 354 -10.92 3.23 -10.80
C SER A 354 -11.82 2.56 -9.76
N GLY A 355 -11.23 1.85 -8.78
CA GLY A 355 -12.02 1.17 -7.74
C GLY A 355 -12.91 2.11 -6.95
N ALA A 356 -12.43 3.33 -6.66
CA ALA A 356 -13.21 4.34 -5.90
C ALA A 356 -14.16 5.03 -6.88
N ARG A 357 -13.68 5.33 -8.10
CA ARG A 357 -14.45 5.99 -9.17
C ARG A 357 -15.77 5.25 -9.42
N ILE A 358 -15.74 3.93 -9.56
CA ILE A 358 -16.98 3.14 -9.89
C ILE A 358 -17.96 3.20 -8.72
N ILE A 359 -17.50 3.32 -7.47
CA ILE A 359 -18.40 3.48 -6.31
C ILE A 359 -19.05 4.87 -6.39
N VAL A 360 -18.29 5.89 -6.77
CA VAL A 360 -18.78 7.29 -6.85
C VAL A 360 -19.89 7.32 -7.90
N THR A 361 -19.60 6.70 -9.04
CA THR A 361 -20.55 6.61 -10.17
C THR A 361 -21.76 5.78 -9.74
N LEU A 362 -21.56 4.62 -9.13
CA LEU A 362 -22.68 3.76 -8.67
C LEU A 362 -23.63 4.52 -7.73
N ILE A 363 -23.10 5.22 -6.73
CA ILE A 363 -23.91 5.97 -5.74
C ILE A 363 -24.84 6.96 -6.49
N HIS A 364 -24.31 7.73 -7.43
CA HIS A 364 -25.04 8.82 -8.12
C HIS A 364 -26.02 8.21 -9.12
N ALA A 365 -25.65 7.11 -9.79
CA ALA A 365 -26.55 6.37 -10.70
C ALA A 365 -27.74 5.86 -9.86
N LEU A 366 -27.47 5.36 -8.67
CA LEU A 366 -28.54 4.93 -7.72
C LEU A 366 -29.40 6.12 -7.29
N LYS A 367 -28.81 7.21 -6.81
CA LYS A 367 -29.56 8.43 -6.46
C LYS A 367 -30.45 8.84 -7.66
N GLN A 368 -29.94 8.78 -8.89
CA GLN A 368 -30.67 9.26 -10.11
C GLN A 368 -31.91 8.41 -10.39
N ARG A 369 -31.92 7.11 -10.07
CA ARG A 369 -33.10 6.24 -10.30
C ARG A 369 -33.94 6.13 -9.01
N GLY A 370 -33.68 6.97 -8.00
CA GLY A 370 -34.46 7.11 -6.76
C GLY A 370 -33.96 6.21 -5.63
N GLY A 371 -32.71 5.76 -5.66
CA GLY A 371 -32.14 4.93 -4.60
C GLY A 371 -32.22 3.45 -4.93
N GLY A 372 -31.70 2.62 -4.04
CA GLY A 372 -31.75 1.16 -4.15
C GLY A 372 -30.43 0.56 -3.77
N ILE A 373 -30.22 -0.68 -4.17
CA ILE A 373 -29.02 -1.48 -3.82
C ILE A 373 -28.15 -1.59 -5.08
N GLY A 374 -26.83 -1.38 -4.92
CA GLY A 374 -25.85 -1.44 -6.01
C GLY A 374 -24.72 -2.37 -5.60
N ILE A 375 -24.12 -3.06 -6.56
CA ILE A 375 -22.82 -3.72 -6.33
C ILE A 375 -21.82 -3.07 -7.30
N ALA A 376 -20.66 -2.71 -6.78
CA ALA A 376 -19.47 -2.36 -7.59
C ALA A 376 -18.51 -3.54 -7.49
N SER A 377 -18.01 -4.00 -8.64
CA SER A 377 -17.13 -5.17 -8.76
C SER A 377 -16.00 -4.79 -9.68
N ILE A 378 -14.79 -5.22 -9.36
CA ILE A 378 -13.60 -4.83 -10.15
C ILE A 378 -12.59 -5.95 -10.06
N CYS A 379 -12.08 -6.36 -11.21
CA CYS A 379 -10.94 -7.29 -11.33
C CYS A 379 -9.67 -6.47 -11.28
N SER A 380 -8.56 -7.13 -11.01
CA SER A 380 -7.28 -6.42 -10.80
C SER A 380 -6.14 -7.33 -11.27
N GLY A 381 -5.16 -6.72 -11.94
CA GLY A 381 -3.99 -7.46 -12.44
C GLY A 381 -3.41 -8.27 -11.32
N GLY A 382 -2.88 -9.46 -11.62
CA GLY A 382 -2.40 -10.43 -10.60
C GLY A 382 -3.47 -11.45 -10.23
N GLY A 383 -4.74 -11.22 -10.59
CA GLY A 383 -5.80 -12.25 -10.52
C GLY A 383 -6.67 -12.11 -9.29
N GLN A 384 -7.10 -10.90 -8.95
CA GLN A 384 -8.03 -10.72 -7.81
C GLN A 384 -9.33 -10.12 -8.33
N GLY A 385 -10.41 -10.26 -7.56
CA GLY A 385 -11.67 -9.55 -7.81
C GLY A 385 -12.23 -9.10 -6.48
N ASP A 386 -12.73 -7.88 -6.42
CA ASP A 386 -13.30 -7.29 -5.21
C ASP A 386 -14.69 -6.79 -5.60
N ALA A 387 -15.66 -6.95 -4.70
CA ALA A 387 -17.00 -6.39 -4.92
C ALA A 387 -17.51 -5.87 -3.58
N VAL A 388 -18.27 -4.77 -3.65
CA VAL A 388 -18.92 -4.09 -2.51
C VAL A 388 -20.40 -3.86 -2.87
N MET A 389 -21.28 -4.04 -1.89
CA MET A 389 -22.72 -3.79 -2.00
C MET A 389 -23.02 -2.54 -1.15
N ILE A 390 -23.69 -1.56 -1.74
CA ILE A 390 -24.01 -0.29 -1.05
C ILE A 390 -25.52 -0.08 -1.14
N GLU A 391 -26.09 0.68 -0.21
CA GLU A 391 -27.51 1.08 -0.31
C GLU A 391 -27.60 2.59 -0.28
N VAL A 392 -28.39 3.13 -1.20
CA VAL A 392 -28.80 4.56 -1.25
C VAL A 392 -30.31 4.57 -0.96
N HIS A 393 -30.74 5.20 0.15
CA HIS A 393 -32.14 5.11 0.65
C HIS A 393 -33.00 6.15 -0.06
N SER B 2 -11.62 -11.86 21.05
CA SER B 2 -10.89 -10.86 21.89
C SER B 2 -9.59 -10.44 21.18
N LYS B 3 -8.44 -10.87 21.70
CA LYS B 3 -7.11 -10.40 21.27
C LYS B 3 -6.60 -11.30 20.12
N THR B 4 -6.13 -10.70 19.02
CA THR B 4 -5.44 -11.42 17.92
C THR B 4 -4.18 -12.09 18.47
N VAL B 5 -3.89 -13.31 18.04
CA VAL B 5 -2.67 -14.06 18.49
C VAL B 5 -1.71 -14.14 17.30
N ILE B 6 -0.43 -14.06 17.64
CA ILE B 6 0.73 -14.29 16.73
C ILE B 6 1.20 -15.73 16.95
N LEU B 7 1.03 -16.58 15.94
CA LEU B 7 1.49 -18.00 16.00
C LEU B 7 2.98 -18.06 15.76
N SER B 8 3.56 -17.13 14.99
CA SER B 8 4.97 -17.26 14.56
C SER B 8 5.45 -15.95 13.99
N ALA B 9 6.77 -15.81 13.96
CA ALA B 9 7.48 -14.58 13.62
C ALA B 9 8.86 -14.98 13.16
N ALA B 10 9.23 -14.54 11.97
CA ALA B 10 10.50 -14.93 11.31
C ALA B 10 11.00 -13.74 10.55
N ARG B 11 12.31 -13.62 10.44
CA ARG B 11 12.94 -12.58 9.60
C ARG B 11 14.13 -13.19 8.91
N THR B 12 14.46 -12.65 7.74
CA THR B 12 15.77 -12.89 7.10
C THR B 12 16.84 -12.22 7.94
N PRO B 13 18.13 -12.58 7.75
CA PRO B 13 19.22 -11.69 8.11
C PRO B 13 19.00 -10.36 7.38
N VAL B 14 19.54 -9.27 7.92
CA VAL B 14 19.56 -7.96 7.22
C VAL B 14 20.93 -7.85 6.54
N GLY B 15 20.88 -7.60 5.22
CA GLY B 15 22.09 -7.39 4.42
C GLY B 15 22.45 -5.93 4.28
N LYS B 16 23.74 -5.67 4.07
CA LYS B 16 24.21 -4.30 3.77
C LYS B 16 23.83 -3.96 2.33
N PHE B 17 23.78 -2.67 2.06
CA PHE B 17 23.52 -2.10 0.71
C PHE B 17 24.60 -2.62 -0.24
N GLY B 18 24.24 -3.30 -1.33
CA GLY B 18 25.24 -3.87 -2.25
C GLY B 18 25.96 -5.06 -1.62
N GLY B 19 25.40 -5.66 -0.56
CA GLY B 19 26.08 -6.69 0.25
C GLY B 19 25.54 -8.09 0.02
N SER B 20 25.46 -8.86 1.10
CA SER B 20 25.28 -10.33 1.10
C SER B 20 23.95 -10.74 0.45
N LEU B 21 22.91 -9.90 0.47
CA LEU B 21 21.59 -10.22 -0.15
C LEU B 21 21.35 -9.41 -1.41
N LYS B 22 22.41 -8.80 -1.96
CA LYS B 22 22.39 -7.99 -3.20
C LYS B 22 21.59 -8.69 -4.31
N ASP B 23 21.76 -10.00 -4.48
CA ASP B 23 21.24 -10.73 -5.66
C ASP B 23 19.85 -11.31 -5.36
N VAL B 24 19.23 -10.94 -4.23
CA VAL B 24 17.89 -11.48 -3.86
C VAL B 24 16.86 -10.35 -3.97
N LYS B 25 15.77 -10.59 -4.67
CA LYS B 25 14.71 -9.57 -4.82
C LYS B 25 14.00 -9.40 -3.46
N ALA B 26 13.42 -8.21 -3.21
CA ALA B 26 12.58 -7.93 -2.03
C ALA B 26 11.50 -9.00 -1.85
N THR B 27 10.80 -9.37 -2.93
CA THR B 27 9.67 -10.33 -2.92
C THR B 27 10.15 -11.74 -2.53
N GLU B 28 11.37 -12.11 -2.92
CA GLU B 28 12.00 -13.39 -2.49
C GLU B 28 12.32 -13.36 -0.99
N LEU B 29 12.88 -12.26 -0.50
CA LEU B 29 13.15 -12.05 0.94
C LEU B 29 11.82 -12.14 1.70
N GLY B 30 10.77 -11.52 1.17
CA GLY B 30 9.44 -11.63 1.79
C GLY B 30 8.96 -13.07 1.81
N GLY B 31 9.08 -13.77 0.68
CA GLY B 31 8.62 -15.17 0.56
C GLY B 31 9.34 -16.07 1.54
N ILE B 32 10.64 -15.90 1.68
CA ILE B 32 11.47 -16.74 2.59
C ILE B 32 10.98 -16.54 4.02
N ALA B 33 10.79 -15.28 4.45
CA ALA B 33 10.27 -14.95 5.78
C ALA B 33 8.87 -15.55 5.98
N ILE B 34 7.99 -15.38 5.00
CA ILE B 34 6.60 -15.88 5.09
C ILE B 34 6.62 -17.42 5.21
N LYS B 35 7.35 -18.09 4.34
CA LYS B 35 7.43 -19.59 4.38
C LYS B 35 7.94 -20.03 5.76
N ALA B 36 8.97 -19.39 6.32
CA ALA B 36 9.52 -19.80 7.63
C ALA B 36 8.45 -19.56 8.71
N ALA B 37 7.66 -18.48 8.58
CA ALA B 37 6.59 -18.16 9.56
C ALA B 37 5.55 -19.27 9.50
N LEU B 38 5.14 -19.67 8.30
CA LEU B 38 4.11 -20.74 8.19
C LEU B 38 4.66 -22.07 8.74
N GLU B 39 5.88 -22.44 8.40
CA GLU B 39 6.52 -23.67 8.96
C GLU B 39 6.50 -23.62 10.49
N ARG B 40 6.93 -22.52 11.07
CA ARG B 40 7.08 -22.41 12.54
C ARG B 40 5.71 -22.37 13.19
N ALA B 41 4.68 -21.87 12.51
CA ALA B 41 3.31 -21.83 13.05
C ALA B 41 2.65 -23.20 12.88
N ASN B 42 3.25 -24.09 12.07
CA ASN B 42 2.61 -25.37 11.67
C ASN B 42 1.23 -25.00 11.08
N VAL B 43 1.22 -23.97 10.24
CA VAL B 43 0.01 -23.57 9.44
C VAL B 43 0.24 -23.96 8.00
N ALA B 44 -0.77 -24.53 7.33
CA ALA B 44 -0.71 -24.89 5.89
C ALA B 44 -0.84 -23.59 5.10
N ALA B 45 -0.01 -23.44 4.06
CA ALA B 45 0.00 -22.25 3.18
C ALA B 45 -1.41 -22.05 2.60
N SER B 46 -2.12 -23.11 2.23
CA SER B 46 -3.47 -23.02 1.59
C SER B 46 -4.57 -22.63 2.59
N ASP B 47 -4.28 -22.55 3.89
CA ASP B 47 -5.26 -22.10 4.91
C ASP B 47 -5.17 -20.57 5.14
N VAL B 48 -4.11 -19.92 4.67
CA VAL B 48 -3.96 -18.44 4.86
C VAL B 48 -5.14 -17.78 4.13
N GLU B 49 -5.74 -16.74 4.69
CA GLU B 49 -6.94 -16.09 4.07
C GLU B 49 -6.56 -14.74 3.48
N GLU B 50 -5.47 -14.15 3.94
CA GLU B 50 -5.03 -12.80 3.48
C GLU B 50 -3.55 -12.64 3.74
N VAL B 51 -2.84 -12.03 2.81
CA VAL B 51 -1.43 -11.57 2.99
C VAL B 51 -1.41 -10.05 2.89
N ILE B 52 -0.97 -9.39 3.94
CA ILE B 52 -0.79 -7.92 3.99
C ILE B 52 0.70 -7.70 4.17
N PHE B 53 1.36 -7.17 3.15
CA PHE B 53 2.83 -6.99 3.16
C PHE B 53 3.20 -5.57 2.80
N GLY B 54 4.13 -5.04 3.60
CA GLY B 54 4.72 -3.70 3.44
C GLY B 54 5.93 -3.71 2.52
N THR B 55 6.01 -2.72 1.65
CA THR B 55 7.27 -2.37 0.93
C THR B 55 7.15 -0.94 0.44
N VAL B 56 8.26 -0.21 0.46
CA VAL B 56 8.29 1.27 0.29
C VAL B 56 8.77 1.62 -1.11
N ILE B 57 9.89 1.05 -1.55
CA ILE B 57 10.40 1.37 -2.91
C ILE B 57 9.81 0.37 -3.90
N GLN B 58 8.52 0.55 -4.23
CA GLN B 58 7.73 -0.38 -5.08
C GLN B 58 8.12 -0.24 -6.55
N GLY B 59 8.66 0.91 -6.94
CA GLY B 59 9.10 1.21 -8.31
C GLY B 59 9.98 0.11 -8.88
N GLY B 60 9.45 -0.62 -9.85
CA GLY B 60 10.19 -1.64 -10.60
C GLY B 60 10.08 -3.01 -9.99
N GLN B 61 9.37 -3.16 -8.86
CA GLN B 61 9.15 -4.50 -8.26
C GLN B 61 8.13 -5.32 -9.06
N GLY B 62 7.31 -4.66 -9.88
CA GLY B 62 6.26 -5.34 -10.64
C GLY B 62 4.94 -5.30 -9.89
N GLN B 63 3.88 -5.74 -10.58
CA GLN B 63 2.49 -5.76 -10.08
C GLN B 63 2.42 -6.30 -8.64
N ILE B 64 1.72 -5.59 -7.77
CA ILE B 64 1.34 -5.96 -6.37
C ILE B 64 2.38 -6.86 -5.73
N PRO B 65 3.48 -6.28 -5.22
CA PRO B 65 4.59 -7.06 -4.65
C PRO B 65 4.19 -8.04 -3.54
N SER B 66 3.20 -7.73 -2.69
CA SER B 66 2.72 -8.68 -1.65
C SER B 66 2.37 -10.03 -2.30
N ARG B 67 1.71 -10.01 -3.46
CA ARG B 67 1.29 -11.25 -4.17
C ARG B 67 2.50 -12.05 -4.63
N GLN B 68 3.56 -11.38 -5.08
CA GLN B 68 4.83 -12.02 -5.49
C GLN B 68 5.48 -12.68 -4.28
N ALA B 69 5.47 -12.01 -3.14
CA ALA B 69 6.02 -12.55 -1.88
C ALA B 69 5.22 -13.77 -1.44
N ALA B 70 3.89 -13.69 -1.54
CA ALA B 70 2.94 -14.76 -1.16
C ALA B 70 3.25 -16.01 -2.01
N ARG B 71 3.38 -15.84 -3.32
CA ARG B 71 3.61 -16.95 -4.29
C ARG B 71 5.01 -17.52 -4.06
N ALA B 72 5.99 -16.67 -3.79
CA ALA B 72 7.37 -17.08 -3.45
C ALA B 72 7.35 -17.97 -2.20
N ALA B 73 6.39 -17.78 -1.30
CA ALA B 73 6.23 -18.57 -0.05
C ALA B 73 5.45 -19.87 -0.29
N GLY B 74 4.93 -20.11 -1.48
CA GLY B 74 4.09 -21.29 -1.78
C GLY B 74 2.63 -21.03 -1.42
N ILE B 75 2.25 -19.80 -1.10
CA ILE B 75 0.81 -19.53 -0.79
C ILE B 75 0.03 -19.61 -2.10
N PRO B 76 -1.07 -20.38 -2.17
CA PRO B 76 -1.83 -20.54 -3.42
C PRO B 76 -2.39 -19.24 -3.99
N TRP B 77 -2.70 -19.29 -5.28
CA TRP B 77 -3.32 -18.19 -6.08
C TRP B 77 -4.63 -17.70 -5.43
N GLU B 78 -5.34 -18.54 -4.67
CA GLU B 78 -6.72 -18.28 -4.20
C GLU B 78 -6.75 -17.41 -2.94
N VAL B 79 -5.58 -17.01 -2.42
CA VAL B 79 -5.44 -16.17 -1.20
C VAL B 79 -5.30 -14.70 -1.62
N GLN B 80 -6.11 -13.84 -1.01
CA GLN B 80 -6.15 -12.41 -1.34
C GLN B 80 -4.97 -11.69 -0.68
N THR B 81 -4.54 -10.61 -1.30
CA THR B 81 -3.38 -9.84 -0.84
C THR B 81 -3.49 -8.38 -1.27
N GLU B 82 -2.85 -7.52 -0.48
CA GLU B 82 -2.63 -6.08 -0.72
C GLU B 82 -1.23 -5.77 -0.24
N THR B 83 -0.62 -4.80 -0.92
CA THR B 83 0.65 -4.19 -0.52
C THR B 83 0.33 -2.87 0.17
N VAL B 84 0.98 -2.63 1.28
CA VAL B 84 0.81 -1.35 2.01
C VAL B 84 2.14 -0.59 2.09
N ASN B 85 2.01 0.73 2.16
CA ASN B 85 3.16 1.65 2.27
C ASN B 85 2.81 2.71 3.31
N LYS B 86 3.54 2.67 4.42
CA LYS B 86 3.54 3.76 5.44
C LYS B 86 5.02 4.02 5.78
N VAL B 87 5.83 4.21 4.72
CA VAL B 87 7.30 4.38 4.71
C VAL B 87 7.91 3.44 5.76
N CYS B 88 8.69 3.92 6.71
CA CYS B 88 9.36 3.05 7.72
C CYS B 88 8.36 2.23 8.54
N ALA B 89 7.07 2.61 8.61
CA ALA B 89 6.08 1.89 9.44
C ALA B 89 5.38 0.78 8.66
N SER B 90 5.67 0.61 7.36
CA SER B 90 4.90 -0.28 6.46
C SER B 90 4.75 -1.68 7.06
N GLY B 91 5.87 -2.29 7.50
CA GLY B 91 5.91 -3.67 8.02
C GLY B 91 5.10 -3.81 9.29
N LEU B 92 5.07 -2.75 10.11
CA LEU B 92 4.34 -2.71 11.37
C LEU B 92 2.86 -2.46 11.06
N ARG B 93 2.53 -1.51 10.19
CA ARG B 93 1.09 -1.23 9.88
C ARG B 93 0.45 -2.45 9.19
N ALA B 94 1.20 -3.21 8.37
CA ALA B 94 0.72 -4.51 7.85
C ALA B 94 0.19 -5.39 9.00
N VAL B 95 0.90 -5.44 10.13
CA VAL B 95 0.50 -6.29 11.30
C VAL B 95 -0.73 -5.69 12.01
N THR B 96 -0.75 -4.40 12.23
CA THR B 96 -1.86 -3.75 12.97
C THR B 96 -3.10 -3.78 12.06
N LEU B 97 -2.95 -3.72 10.73
CA LEU B 97 -4.12 -3.85 9.79
C LEU B 97 -4.65 -5.30 9.88
N ALA B 98 -3.76 -6.29 9.93
CA ALA B 98 -4.14 -7.72 10.10
C ALA B 98 -4.92 -7.86 11.41
N ASP B 99 -4.44 -7.22 12.47
CA ASP B 99 -5.11 -7.25 13.79
C ASP B 99 -6.54 -6.69 13.62
N GLN B 100 -6.71 -5.53 13.00
CA GLN B 100 -8.06 -4.91 12.84
C GLN B 100 -8.98 -5.83 12.03
N ILE B 101 -8.50 -6.37 10.92
CA ILE B 101 -9.33 -7.25 10.05
C ILE B 101 -9.80 -8.47 10.86
N ILE B 102 -8.89 -9.12 11.59
CA ILE B 102 -9.23 -10.35 12.35
C ILE B 102 -10.25 -9.97 13.44
N ARG B 103 -10.10 -8.81 14.07
CA ARG B 103 -11.03 -8.30 15.12
C ARG B 103 -12.41 -8.04 14.52
N THR B 104 -12.55 -7.74 13.23
CA THR B 104 -13.92 -7.63 12.62
C THR B 104 -14.57 -9.01 12.45
N GLY B 105 -13.80 -10.10 12.45
CA GLY B 105 -14.33 -11.42 12.07
C GLY B 105 -14.28 -11.70 10.59
N ASP B 106 -13.86 -10.76 9.73
CA ASP B 106 -13.90 -10.97 8.25
C ASP B 106 -12.90 -12.05 7.89
N GLN B 107 -11.83 -12.18 8.67
CA GLN B 107 -10.83 -13.25 8.41
C GLN B 107 -10.34 -13.71 9.77
N SER B 108 -9.77 -14.91 9.83
CA SER B 108 -9.30 -15.53 11.11
C SER B 108 -7.81 -15.93 11.00
N LEU B 109 -7.19 -15.83 9.82
CA LEU B 109 -5.76 -16.25 9.59
C LEU B 109 -5.15 -15.37 8.50
N ILE B 110 -4.25 -14.48 8.91
CA ILE B 110 -3.54 -13.51 8.04
C ILE B 110 -2.03 -13.67 8.20
N VAL B 111 -1.30 -13.58 7.09
CA VAL B 111 0.17 -13.33 7.08
C VAL B 111 0.38 -11.83 6.89
N ALA B 112 1.21 -11.22 7.72
CA ALA B 112 1.54 -9.78 7.66
C ALA B 112 3.04 -9.63 7.82
N GLY B 113 3.61 -8.60 7.24
CA GLY B 113 5.04 -8.31 7.42
C GLY B 113 5.53 -7.37 6.37
N GLY B 114 6.82 -7.38 6.12
CA GLY B 114 7.33 -6.48 5.09
C GLY B 114 8.66 -6.92 4.54
N MET B 115 9.12 -6.15 3.59
CA MET B 115 10.29 -6.55 2.77
C MET B 115 10.84 -5.29 2.13
N GLU B 116 12.14 -5.28 1.90
CA GLU B 116 12.75 -4.23 1.07
C GLU B 116 14.06 -4.78 0.54
N SER B 117 14.41 -4.38 -0.67
CA SER B 117 15.77 -4.62 -1.22
C SER B 117 16.25 -3.28 -1.75
N MET B 118 16.84 -2.49 -0.87
CA MET B 118 17.28 -1.13 -1.25
C MET B 118 18.44 -1.24 -2.25
N SER B 119 19.19 -2.35 -2.17
CA SER B 119 20.21 -2.74 -3.17
C SER B 119 19.62 -2.74 -4.58
N ASN B 120 18.41 -3.23 -4.77
CA ASN B 120 17.88 -3.52 -6.13
C ASN B 120 16.95 -2.40 -6.59
N SER B 121 16.80 -1.31 -5.84
CA SER B 121 15.95 -0.17 -6.29
C SER B 121 16.52 0.41 -7.58
N PRO B 122 15.66 0.79 -8.55
CA PRO B 122 16.16 1.31 -9.81
C PRO B 122 16.52 2.81 -9.72
N TYR B 123 17.02 3.37 -10.83
CA TYR B 123 17.05 4.83 -11.08
C TYR B 123 15.87 5.16 -11.99
N ILE B 124 15.39 6.39 -11.92
CA ILE B 124 14.28 6.87 -12.77
C ILE B 124 14.71 8.06 -13.63
N LEU B 125 13.93 8.23 -14.69
CA LEU B 125 14.00 9.35 -15.63
C LEU B 125 12.62 9.95 -15.66
N ARG B 126 12.50 11.13 -15.07
CA ARG B 126 11.30 11.99 -15.21
C ARG B 126 11.55 12.82 -16.46
N GLY B 127 10.57 13.02 -17.33
CA GLY B 127 10.78 13.88 -18.52
C GLY B 127 11.07 13.13 -19.81
N ALA B 128 11.58 11.89 -19.75
CA ALA B 128 11.89 11.07 -20.95
C ALA B 128 10.60 10.61 -21.66
N ARG B 129 9.50 10.48 -20.93
CA ARG B 129 8.19 10.07 -21.51
C ARG B 129 7.74 11.10 -22.55
N TRP B 130 7.72 12.39 -22.21
CA TRP B 130 7.19 13.45 -23.11
C TRP B 130 8.34 14.27 -23.70
N GLY B 131 9.57 14.01 -23.26
CA GLY B 131 10.78 14.48 -23.97
C GLY B 131 11.45 15.63 -23.25
N TYR B 132 12.76 15.59 -23.09
CA TYR B 132 13.56 16.70 -22.51
C TYR B 132 13.58 17.94 -23.39
N ARG B 133 13.50 17.76 -24.72
CA ARG B 133 13.66 18.78 -25.77
C ARG B 133 15.14 19.21 -25.83
N MET B 134 15.65 19.92 -24.80
CA MET B 134 17.08 20.32 -24.74
C MET B 134 17.46 20.67 -23.30
N GLY B 135 18.75 20.60 -22.98
CA GLY B 135 19.25 20.88 -21.61
C GLY B 135 19.41 19.58 -20.83
N ASN B 136 20.33 19.56 -19.86
CA ASN B 136 20.63 18.39 -19.01
C ASN B 136 19.47 18.18 -18.04
N ASN B 137 19.20 16.93 -17.66
CA ASN B 137 18.20 16.60 -16.61
C ASN B 137 18.85 15.70 -15.56
N GLU B 138 18.03 15.14 -14.67
CA GLU B 138 18.48 14.33 -13.52
C GLU B 138 18.18 12.87 -13.82
N VAL B 139 19.07 11.97 -13.43
CA VAL B 139 18.75 10.52 -13.32
C VAL B 139 18.67 10.25 -11.82
N ILE B 140 17.50 9.83 -11.37
CA ILE B 140 17.12 9.90 -9.94
C ILE B 140 17.15 8.52 -9.29
N ASP B 141 17.83 8.48 -8.16
CA ASP B 141 17.96 7.29 -7.29
C ASP B 141 16.60 7.09 -6.60
N LEU B 142 15.91 6.01 -6.86
CA LEU B 142 14.52 5.84 -6.40
C LEU B 142 14.48 5.65 -4.89
N ASN B 143 15.55 5.14 -4.26
CA ASN B 143 15.66 5.12 -2.79
C ASN B 143 15.57 6.56 -2.27
N VAL B 144 16.26 7.47 -2.93
CA VAL B 144 16.32 8.89 -2.53
C VAL B 144 14.95 9.55 -2.79
N ALA B 145 14.35 9.31 -3.95
CA ALA B 145 13.10 9.99 -4.38
C ALA B 145 11.90 9.53 -3.57
N ASP B 146 11.78 8.23 -3.28
CA ASP B 146 10.56 7.64 -2.65
C ASP B 146 10.81 7.25 -1.18
N GLY B 147 12.06 7.14 -0.74
CA GLY B 147 12.40 6.58 0.58
C GLY B 147 13.03 7.62 1.48
N LEU B 148 14.07 8.33 1.02
CA LEU B 148 15.00 9.07 1.90
C LEU B 148 14.78 10.59 1.89
N THR B 149 13.85 11.12 1.10
CA THR B 149 13.69 12.59 1.00
C THR B 149 12.21 12.93 1.20
N CYS B 150 11.99 14.11 1.76
CA CYS B 150 10.65 14.59 2.10
C CYS B 150 9.94 14.92 0.79
N ALA B 151 8.74 14.40 0.62
CA ALA B 151 7.88 14.67 -0.56
C ALA B 151 7.56 16.16 -0.66
N PHE B 152 7.66 16.90 0.44
CA PHE B 152 7.17 18.30 0.53
C PHE B 152 8.34 19.27 0.31
N SER B 153 9.50 19.01 0.91
CA SER B 153 10.64 19.95 0.93
C SER B 153 11.82 19.44 0.09
N GLY B 154 11.86 18.15 -0.24
CA GLY B 154 13.03 17.52 -0.87
C GLY B 154 14.15 17.26 0.14
N THR B 155 13.96 17.58 1.41
CA THR B 155 15.06 17.48 2.42
C THR B 155 15.31 16.02 2.77
N HIS B 156 16.56 15.60 2.87
CA HIS B 156 16.92 14.26 3.34
C HIS B 156 16.44 14.05 4.79
N MET B 157 15.88 12.88 5.09
CA MET B 157 15.48 12.45 6.45
C MET B 157 16.65 12.67 7.43
N GLY B 158 17.89 12.45 6.99
CA GLY B 158 19.09 12.61 7.83
C GLY B 158 19.32 14.07 8.20
N VAL B 159 18.79 15.02 7.44
CA VAL B 159 18.91 16.45 7.82
C VAL B 159 17.94 16.68 8.97
N TYR B 160 16.73 16.12 8.84
CA TYR B 160 15.67 16.21 9.87
C TYR B 160 16.17 15.53 11.13
N GLY B 161 16.75 14.34 11.02
CA GLY B 161 17.42 13.65 12.15
C GLY B 161 18.39 14.56 12.90
N GLY B 162 19.33 15.22 12.20
CA GLY B 162 20.31 16.11 12.83
C GLY B 162 19.64 17.34 13.44
N GLU B 163 18.63 17.90 12.77
CA GLU B 163 17.93 19.12 13.23
C GLU B 163 17.26 18.76 14.57
N VAL B 164 16.62 17.58 14.67
CA VAL B 164 15.88 17.20 15.92
C VAL B 164 16.88 16.90 17.03
N ALA B 165 17.99 16.21 16.73
CA ALA B 165 19.09 15.95 17.68
C ALA B 165 19.63 17.29 18.21
N LYS B 166 19.85 18.27 17.32
CA LYS B 166 20.31 19.64 17.70
C LYS B 166 19.29 20.28 18.66
N GLU B 167 18.00 20.30 18.29
CA GLU B 167 16.92 20.98 19.05
C GLU B 167 16.71 20.32 20.42
N ASP B 168 16.86 18.99 20.53
CA ASP B 168 16.70 18.20 21.78
C ASP B 168 17.98 18.28 22.63
N GLY B 169 19.04 18.90 22.13
CA GLY B 169 20.34 19.01 22.82
C GLY B 169 20.99 17.66 23.05
N ILE B 170 20.90 16.73 22.10
CA ILE B 170 21.60 15.40 22.17
C ILE B 170 22.96 15.54 21.51
N SER B 171 24.05 15.37 22.27
CA SER B 171 25.42 15.57 21.74
C SER B 171 25.82 14.46 20.75
N ARG B 172 26.75 14.81 19.87
CA ARG B 172 27.55 13.86 19.06
C ARG B 172 28.02 12.70 19.95
N GLU B 173 28.51 12.98 21.16
CA GLU B 173 29.13 11.91 22.01
C GLU B 173 28.05 10.93 22.51
N ALA B 174 26.88 11.42 22.93
CA ALA B 174 25.74 10.59 23.36
C ALA B 174 25.30 9.71 22.16
N GLN B 175 25.30 10.27 20.95
CA GLN B 175 24.83 9.53 19.74
C GLN B 175 25.78 8.39 19.44
N ASP B 176 27.08 8.65 19.54
CA ASP B 176 28.13 7.65 19.21
C ASP B 176 28.13 6.56 20.29
N GLU B 177 27.91 6.90 21.55
CA GLU B 177 27.81 5.90 22.65
C GLU B 177 26.63 5.00 22.39
N TRP B 178 25.49 5.56 21.94
CA TRP B 178 24.31 4.71 21.67
C TRP B 178 24.62 3.81 20.46
N ALA B 179 25.32 4.32 19.44
CA ALA B 179 25.74 3.54 18.25
C ALA B 179 26.65 2.38 18.70
N TYR B 180 27.67 2.66 19.52
CA TYR B 180 28.60 1.61 20.01
C TYR B 180 27.82 0.53 20.74
N ARG B 181 26.89 0.95 21.62
CA ARG B 181 26.01 0.06 22.39
C ARG B 181 25.17 -0.83 21.45
N SER B 182 24.56 -0.23 20.42
CA SER B 182 23.76 -0.96 19.41
C SER B 182 24.60 -2.08 18.77
N HIS B 183 25.83 -1.79 18.35
CA HIS B 183 26.74 -2.79 17.74
C HIS B 183 27.06 -3.85 18.78
N GLN B 184 27.45 -3.45 19.98
CA GLN B 184 27.81 -4.43 21.05
C GLN B 184 26.65 -5.39 21.31
N ARG B 185 25.44 -4.87 21.41
CA ARG B 185 24.26 -5.71 21.69
C ARG B 185 23.93 -6.64 20.52
N ALA B 186 24.00 -6.18 19.28
CA ALA B 186 23.73 -7.01 18.08
C ALA B 186 24.79 -8.11 17.95
N VAL B 187 26.07 -7.75 18.00
CA VAL B 187 27.20 -8.72 17.90
C VAL B 187 27.01 -9.76 19.01
N SER B 188 26.79 -9.29 20.23
CA SER B 188 26.56 -10.13 21.43
C SER B 188 25.37 -11.07 21.20
N ALA B 189 24.25 -10.58 20.67
CA ALA B 189 23.05 -11.42 20.46
C ALA B 189 23.37 -12.50 19.42
N HIS B 190 24.11 -12.14 18.37
CA HIS B 190 24.50 -13.12 17.32
C HIS B 190 25.41 -14.21 17.94
N LYS B 191 26.48 -13.82 18.62
CA LYS B 191 27.53 -14.76 19.09
C LYS B 191 26.97 -15.69 20.17
N GLU B 192 26.05 -15.19 21.00
CA GLU B 192 25.45 -15.94 22.12
C GLU B 192 24.20 -16.71 21.68
N GLY B 193 23.87 -16.73 20.39
CA GLY B 193 22.81 -17.60 19.84
C GLY B 193 21.42 -17.04 20.03
N ARG B 194 21.28 -15.76 20.38
CA ARG B 194 19.98 -15.13 20.71
C ARG B 194 19.24 -14.69 19.44
N PHE B 195 19.83 -14.74 18.25
CA PHE B 195 19.12 -14.45 16.97
C PHE B 195 18.79 -15.74 16.23
N GLU B 196 19.40 -16.84 16.65
CA GLU B 196 19.28 -18.12 15.93
C GLU B 196 17.81 -18.49 15.73
N GLU B 197 16.94 -18.24 16.70
CA GLU B 197 15.55 -18.76 16.64
C GLU B 197 14.74 -17.91 15.65
N GLU B 198 14.89 -16.57 15.67
CA GLU B 198 14.07 -15.68 14.81
C GLU B 198 14.53 -15.70 13.34
N ILE B 199 15.83 -15.88 13.06
CA ILE B 199 16.41 -15.75 11.69
C ILE B 199 16.05 -17.00 10.89
N VAL B 200 15.60 -16.79 9.66
CA VAL B 200 15.57 -17.85 8.63
C VAL B 200 16.71 -17.50 7.70
N PRO B 201 17.71 -18.41 7.52
CA PRO B 201 18.80 -18.13 6.58
C PRO B 201 18.28 -18.02 5.15
N VAL B 202 19.00 -17.24 4.33
CA VAL B 202 18.73 -17.10 2.88
C VAL B 202 19.79 -17.90 2.12
N THR B 203 19.31 -18.79 1.27
CA THR B 203 20.13 -19.68 0.39
C THR B 203 20.12 -19.06 -0.99
N ILE B 204 21.28 -18.67 -1.51
CA ILE B 204 21.36 -17.98 -2.82
C ILE B 204 21.98 -18.97 -3.79
N PRO B 205 21.20 -19.57 -4.74
CA PRO B 205 21.75 -20.56 -5.67
C PRO B 205 22.79 -19.82 -6.53
N GLN B 206 23.98 -20.42 -6.68
CA GLN B 206 25.10 -19.85 -7.46
C GLN B 206 25.03 -20.44 -8.88
N ARG B 207 25.34 -19.61 -9.89
CA ARG B 207 25.67 -20.07 -11.26
C ARG B 207 26.76 -21.15 -11.12
N LYS B 208 27.79 -20.85 -10.32
CA LYS B 208 28.99 -21.71 -10.10
C LYS B 208 28.64 -22.86 -9.15
N GLY B 209 29.37 -23.01 -8.04
CA GLY B 209 29.37 -24.21 -7.17
C GLY B 209 28.14 -24.31 -6.27
N ASP B 210 28.33 -24.58 -4.97
CA ASP B 210 27.24 -24.81 -3.97
C ASP B 210 26.48 -23.50 -3.72
N PRO B 211 25.27 -23.53 -3.10
CA PRO B 211 24.54 -22.30 -2.79
C PRO B 211 25.32 -21.52 -1.71
N ILE B 212 25.22 -20.19 -1.70
CA ILE B 212 25.62 -19.35 -0.55
C ILE B 212 24.45 -19.28 0.43
N VAL B 213 24.70 -19.59 1.72
CA VAL B 213 23.70 -19.49 2.81
C VAL B 213 24.08 -18.28 3.67
N VAL B 214 23.23 -17.26 3.68
CA VAL B 214 23.40 -16.06 4.56
C VAL B 214 22.52 -16.27 5.78
N ALA B 215 23.15 -16.39 6.95
CA ALA B 215 22.52 -16.72 8.26
C ALA B 215 22.78 -15.61 9.28
N LYS B 216 23.63 -14.64 8.99
CA LYS B 216 24.09 -13.63 9.97
C LYS B 216 23.73 -12.25 9.44
N ASP B 217 23.25 -11.36 10.31
CA ASP B 217 23.11 -9.90 10.05
C ASP B 217 24.47 -9.36 9.64
N GLU B 218 24.52 -8.66 8.50
CA GLU B 218 25.80 -8.28 7.87
C GLU B 218 26.36 -7.01 8.52
N ALA B 219 25.49 -6.10 8.98
CA ALA B 219 25.89 -4.72 9.35
C ALA B 219 26.58 -4.65 10.73
N PRO B 220 26.18 -5.41 11.76
CA PRO B 220 26.86 -5.30 13.06
C PRO B 220 28.39 -5.47 12.96
N ARG B 221 29.16 -4.55 13.55
CA ARG B 221 30.65 -4.55 13.56
C ARG B 221 31.20 -4.91 14.95
N GLU B 222 31.84 -6.08 15.03
CA GLU B 222 32.63 -6.58 16.19
C GLU B 222 33.71 -5.56 16.59
N ASP B 223 34.31 -4.88 15.62
CA ASP B 223 35.54 -4.07 15.77
C ASP B 223 35.24 -2.57 15.77
N THR B 224 33.98 -2.12 15.89
CA THR B 224 33.73 -0.65 16.01
C THR B 224 34.02 -0.23 17.45
N THR B 225 34.42 1.03 17.63
CA THR B 225 34.74 1.66 18.92
C THR B 225 34.27 3.11 18.92
N ILE B 226 34.07 3.66 20.10
CA ILE B 226 33.77 5.10 20.32
C ILE B 226 34.81 5.95 19.58
N GLU B 227 36.08 5.56 19.68
CA GLU B 227 37.23 6.25 19.03
C GLU B 227 36.95 6.38 17.52
N LYS B 228 36.71 5.27 16.82
CA LYS B 228 36.44 5.22 15.36
C LYS B 228 35.18 6.00 15.01
N LEU B 229 34.16 5.90 15.83
CA LEU B 229 32.87 6.60 15.60
C LEU B 229 33.07 8.12 15.69
N ALA B 230 33.91 8.60 16.61
CA ALA B 230 34.22 10.04 16.83
C ALA B 230 35.01 10.60 15.64
N LYS B 231 35.74 9.74 14.92
CA LYS B 231 36.53 10.17 13.74
C LYS B 231 35.60 10.47 12.56
N LEU B 232 34.43 9.86 12.47
CA LEU B 232 33.57 10.02 11.27
C LEU B 232 33.11 11.49 11.16
N LYS B 233 32.94 11.95 9.94
CA LYS B 233 32.47 13.30 9.58
C LYS B 233 30.95 13.28 9.45
N PRO B 234 30.23 14.37 9.82
CA PRO B 234 28.78 14.47 9.63
C PRO B 234 28.40 14.25 8.17
N VAL B 235 27.34 13.51 7.86
CA VAL B 235 27.03 13.14 6.44
C VAL B 235 26.22 14.24 5.73
N PHE B 236 25.23 14.86 6.36
CA PHE B 236 24.21 15.69 5.67
C PHE B 236 24.46 17.18 5.88
N ASP B 237 25.26 17.55 6.88
CA ASP B 237 25.55 18.96 7.22
C ASP B 237 26.80 18.99 8.08
N LYS B 238 27.81 19.76 7.64
CA LYS B 238 29.13 19.95 8.29
C LYS B 238 28.94 20.34 9.76
N THR B 239 27.82 20.99 10.08
CA THR B 239 27.51 21.57 11.42
C THR B 239 26.59 20.62 12.22
N ALA B 240 26.18 19.46 11.67
CA ALA B 240 25.24 18.54 12.38
C ALA B 240 26.06 17.44 13.05
N THR B 241 25.40 16.55 13.80
CA THR B 241 26.05 15.51 14.63
C THR B 241 25.83 14.09 14.05
N VAL B 242 25.06 13.96 12.96
CA VAL B 242 24.65 12.65 12.35
C VAL B 242 25.69 12.23 11.30
N THR B 243 26.23 11.02 11.48
CA THR B 243 27.28 10.40 10.65
C THR B 243 26.73 9.07 10.05
N ALA B 244 27.51 8.43 9.20
CA ALA B 244 27.28 7.03 8.75
C ALA B 244 27.31 6.03 9.93
N GLY B 245 27.89 6.41 11.08
CA GLY B 245 28.10 5.48 12.21
C GLY B 245 27.01 5.54 13.27
N ASN B 246 26.29 6.66 13.39
CA ASN B 246 25.21 6.86 14.39
C ASN B 246 23.86 7.03 13.67
N ALA B 247 23.83 6.76 12.37
CA ALA B 247 22.62 6.61 11.53
C ALA B 247 22.62 5.20 10.92
N PRO B 248 21.45 4.55 10.80
CA PRO B 248 21.36 3.28 10.10
C PRO B 248 21.73 3.45 8.62
N GLY B 249 22.03 2.33 7.94
CA GLY B 249 22.30 2.28 6.51
C GLY B 249 21.04 2.12 5.66
N LEU B 250 21.27 1.87 4.39
CA LEU B 250 20.29 1.32 3.42
C LEU B 250 20.52 -0.18 3.41
N ASN B 251 19.46 -0.97 3.47
CA ASN B 251 19.59 -2.44 3.78
C ASN B 251 18.50 -3.26 3.12
N ASP B 252 18.74 -4.57 3.10
CA ASP B 252 17.89 -5.59 2.44
C ASP B 252 17.38 -6.51 3.53
N GLY B 253 16.10 -6.82 3.50
CA GLY B 253 15.54 -7.76 4.48
C GLY B 253 14.06 -7.99 4.29
N GLY B 254 13.60 -9.10 4.89
CA GLY B 254 12.17 -9.41 5.01
C GLY B 254 11.83 -9.94 6.37
N ALA B 255 10.58 -9.82 6.75
CA ALA B 255 10.08 -10.29 8.05
C ALA B 255 8.60 -10.54 7.90
N ALA B 256 8.10 -11.55 8.61
CA ALA B 256 6.72 -12.05 8.45
C ALA B 256 6.27 -12.67 9.78
N LEU B 257 4.98 -12.50 10.00
CA LEU B 257 4.24 -13.04 11.16
C LEU B 257 2.98 -13.73 10.66
N VAL B 258 2.55 -14.75 11.40
CA VAL B 258 1.24 -15.42 11.17
C VAL B 258 0.32 -14.98 12.32
N LEU B 259 -0.85 -14.42 11.98
CA LEU B 259 -1.84 -13.93 12.97
C LEU B 259 -3.10 -14.81 12.84
N MET B 260 -3.75 -15.06 13.97
CA MET B 260 -4.96 -15.91 14.03
C MET B 260 -5.89 -15.36 15.09
N SER B 261 -7.19 -15.53 14.91
CA SER B 261 -8.16 -15.18 15.98
C SER B 261 -7.88 -16.10 17.18
N GLU B 262 -8.04 -15.56 18.38
CA GLU B 262 -8.08 -16.29 19.68
C GLU B 262 -8.95 -17.55 19.55
N ASP B 263 -10.16 -17.39 19.03
CA ASP B 263 -11.17 -18.47 18.96
C ASP B 263 -10.63 -19.59 18.07
N ARG B 264 -10.06 -19.23 16.93
CA ARG B 264 -9.61 -20.26 15.97
C ARG B 264 -8.39 -20.97 16.57
N ALA B 265 -7.52 -20.23 17.25
CA ALA B 265 -6.30 -20.78 17.84
C ALA B 265 -6.69 -21.88 18.85
N LYS B 266 -7.66 -21.60 19.72
CA LYS B 266 -8.19 -22.57 20.73
C LYS B 266 -8.81 -23.78 20.04
N GLN B 267 -9.63 -23.58 19.00
CA GLN B 267 -10.24 -24.74 18.30
C GLN B 267 -9.16 -25.67 17.77
N GLU B 268 -8.03 -25.13 17.31
CA GLU B 268 -7.01 -25.92 16.56
C GLU B 268 -5.93 -26.45 17.54
N GLY B 269 -6.02 -26.09 18.82
CA GLY B 269 -5.05 -26.49 19.86
C GLY B 269 -3.75 -25.69 19.85
N ARG B 270 -3.74 -24.47 19.31
CA ARG B 270 -2.47 -23.75 19.00
C ARG B 270 -2.13 -22.80 20.14
N LYS B 271 -0.96 -22.98 20.77
CA LYS B 271 -0.46 -22.05 21.81
C LYS B 271 0.06 -20.80 21.08
N PRO B 272 -0.41 -19.59 21.42
CA PRO B 272 0.16 -18.36 20.85
C PRO B 272 1.63 -18.16 21.21
N LEU B 273 2.47 -17.77 20.25
CA LEU B 273 3.79 -17.16 20.51
C LEU B 273 3.58 -15.84 21.28
N ALA B 274 2.61 -15.02 20.86
CA ALA B 274 2.34 -13.71 21.46
C ALA B 274 0.90 -13.30 21.18
N THR B 275 0.42 -12.33 21.92
CA THR B 275 -0.92 -11.73 21.73
C THR B 275 -0.71 -10.25 21.42
N ILE B 276 -1.50 -9.72 20.49
CA ILE B 276 -1.57 -8.25 20.25
C ILE B 276 -2.57 -7.69 21.25
N LEU B 277 -2.10 -6.83 22.14
CA LEU B 277 -2.94 -6.18 23.17
C LEU B 277 -3.61 -4.93 22.58
N ALA B 278 -2.88 -4.06 21.91
CA ALA B 278 -3.36 -2.75 21.41
C ALA B 278 -2.29 -2.11 20.51
N HIS B 279 -2.68 -1.12 19.74
CA HIS B 279 -1.74 -0.33 18.92
C HIS B 279 -2.33 1.06 18.68
N THR B 280 -1.49 2.04 18.42
CA THR B 280 -1.99 3.38 18.03
C THR B 280 -0.97 4.02 17.10
N ALA B 281 -1.43 5.05 16.40
CA ALA B 281 -0.54 5.85 15.54
C ALA B 281 -0.83 7.33 15.75
N ILE B 282 0.21 8.15 15.63
CA ILE B 282 0.12 9.63 15.65
C ILE B 282 0.86 10.13 14.42
N ALA B 283 0.69 11.42 14.19
CA ALA B 283 1.21 12.08 12.97
C ALA B 283 1.50 13.54 13.33
N VAL B 284 2.62 14.01 12.78
CA VAL B 284 3.22 15.34 13.01
C VAL B 284 3.71 15.80 11.64
N GLU B 285 4.22 17.03 11.61
CA GLU B 285 4.90 17.59 10.43
C GLU B 285 6.02 16.64 9.98
N SER B 286 6.25 16.55 8.67
CA SER B 286 7.37 15.74 8.08
C SER B 286 8.66 15.96 8.86
N LYS B 287 9.04 17.21 9.14
CA LYS B 287 10.37 17.52 9.71
C LYS B 287 10.48 16.96 11.14
N ASP B 288 9.34 16.75 11.81
CA ASP B 288 9.26 16.28 13.22
C ASP B 288 9.16 14.75 13.33
N PHE B 289 9.34 13.99 12.23
CA PHE B 289 9.16 12.51 12.20
C PHE B 289 10.04 11.89 13.27
N PRO B 290 11.27 12.35 13.51
CA PRO B 290 12.15 11.66 14.48
C PRO B 290 11.66 11.73 15.96
N ARG B 291 10.72 12.62 16.27
CA ARG B 291 10.25 12.80 17.67
C ARG B 291 9.09 11.83 17.98
N THR B 292 8.50 11.16 16.97
CA THR B 292 7.18 10.47 17.13
C THR B 292 7.23 9.22 18.01
N PRO B 293 8.33 8.42 18.07
CA PRO B 293 8.26 7.15 18.80
C PRO B 293 7.85 7.27 20.27
N GLY B 294 8.46 8.17 21.04
CA GLY B 294 8.08 8.47 22.43
C GLY B 294 6.63 8.96 22.53
N TYR B 295 6.21 9.83 21.64
CA TYR B 295 4.79 10.27 21.62
C TYR B 295 3.87 9.09 21.32
N ALA B 296 4.23 8.19 20.38
CA ALA B 296 3.38 7.01 20.05
C ALA B 296 3.25 6.13 21.29
N ILE B 297 4.36 5.90 21.99
CA ILE B 297 4.34 5.10 23.24
C ILE B 297 3.40 5.75 24.28
N ASN B 298 3.57 7.05 24.52
CA ASN B 298 2.73 7.81 25.49
C ASN B 298 1.26 7.66 25.12
N ALA B 299 0.88 7.87 23.87
CA ALA B 299 -0.54 7.74 23.46
C ALA B 299 -1.02 6.28 23.66
N LEU B 300 -0.17 5.29 23.38
CA LEU B 300 -0.55 3.86 23.52
C LEU B 300 -0.77 3.53 25.01
N LEU B 301 0.09 4.02 25.89
CA LEU B 301 -0.07 3.86 27.36
C LEU B 301 -1.40 4.52 27.81
N GLU B 302 -1.61 5.79 27.46
CA GLU B 302 -2.87 6.52 27.76
C GLU B 302 -4.07 5.66 27.35
N LYS B 303 -4.01 5.05 26.17
CA LYS B 303 -5.14 4.32 25.54
C LYS B 303 -5.47 3.06 26.34
N THR B 304 -4.46 2.39 26.92
CA THR B 304 -4.56 1.05 27.55
C THR B 304 -4.70 1.21 29.07
N GLY B 305 -4.79 2.46 29.53
CA GLY B 305 -4.89 2.86 30.94
C GLY B 305 -3.57 2.62 31.65
N LYS B 306 -2.61 2.07 30.91
CA LYS B 306 -1.41 1.41 31.47
C LYS B 306 -0.34 2.44 31.76
N THR B 307 0.75 1.96 32.33
CA THR B 307 1.84 2.77 32.91
C THR B 307 3.14 2.29 32.26
N ILE B 308 4.09 3.19 32.06
CA ILE B 308 5.41 2.90 31.46
C ILE B 308 6.10 1.77 32.23
N GLU B 309 5.77 1.57 33.52
CA GLU B 309 6.47 0.63 34.45
C GLU B 309 5.95 -0.79 34.19
N ASP B 310 4.78 -0.98 33.57
CA ASP B 310 4.24 -2.33 33.29
C ASP B 310 4.91 -2.94 32.07
N ILE B 311 5.72 -2.18 31.35
CA ILE B 311 6.30 -2.65 30.05
C ILE B 311 7.70 -3.22 30.35
N ASP B 312 7.95 -4.48 30.01
CA ASP B 312 9.21 -5.20 30.32
C ASP B 312 10.30 -4.86 29.27
N LEU B 313 9.93 -4.73 27.99
CA LEU B 313 10.91 -4.44 26.91
C LEU B 313 10.30 -3.47 25.88
N PHE B 314 11.18 -2.69 25.27
CA PHE B 314 10.87 -1.75 24.18
C PHE B 314 11.80 -2.02 22.99
N GLU B 315 11.22 -2.02 21.81
CA GLU B 315 11.91 -1.87 20.51
C GLU B 315 11.48 -0.54 19.90
N ILE B 316 12.40 0.41 19.89
CA ILE B 316 12.21 1.70 19.17
C ILE B 316 13.19 1.66 18.00
N ASN B 317 12.63 1.60 16.80
CA ASN B 317 13.46 1.56 15.57
C ASN B 317 14.44 2.73 15.65
N GLU B 318 15.73 2.40 15.54
CA GLU B 318 16.86 3.36 15.62
C GLU B 318 16.96 4.13 14.31
N ALA B 319 15.96 4.96 13.98
CA ALA B 319 15.95 5.79 12.75
C ALA B 319 17.21 6.66 12.73
N PHE B 320 17.64 7.08 13.93
CA PHE B 320 18.98 7.58 14.27
C PHE B 320 19.25 7.16 15.70
N ALA B 321 20.53 7.11 16.10
CA ALA B 321 20.88 6.97 17.53
C ALA B 321 20.12 8.05 18.31
N ALA B 322 20.16 9.29 17.83
CA ALA B 322 19.49 10.46 18.46
C ALA B 322 18.01 10.14 18.81
N VAL B 323 17.34 9.32 18.00
CA VAL B 323 15.89 9.02 18.14
C VAL B 323 15.66 8.06 19.31
N ALA B 324 16.55 7.07 19.51
CA ALA B 324 16.47 6.15 20.66
C ALA B 324 16.64 6.94 21.97
N ILE B 325 17.62 7.86 22.02
CA ILE B 325 17.90 8.73 23.20
C ILE B 325 16.69 9.66 23.45
N ALA B 326 16.28 10.46 22.46
CA ALA B 326 15.16 11.43 22.62
C ALA B 326 13.93 10.69 23.15
N SER B 327 13.54 9.61 22.47
CA SER B 327 12.33 8.79 22.78
C SER B 327 12.41 8.22 24.20
N THR B 328 13.60 7.82 24.64
CA THR B 328 13.87 7.37 26.03
C THR B 328 13.42 8.45 27.01
N GLU B 329 13.83 9.70 26.83
CA GLU B 329 13.45 10.82 27.75
C GLU B 329 11.93 11.02 27.62
N ILE B 330 11.41 11.19 26.42
CA ILE B 330 9.97 11.55 26.17
C ILE B 330 9.03 10.50 26.79
N ALA B 331 9.34 9.21 26.68
CA ALA B 331 8.50 8.13 27.26
C ALA B 331 8.96 7.79 28.68
N GLY B 332 10.10 8.33 29.14
CA GLY B 332 10.72 7.96 30.44
C GLY B 332 11.04 6.47 30.50
N ILE B 333 11.80 5.99 29.51
CA ILE B 333 12.13 4.53 29.35
C ILE B 333 13.46 4.27 30.06
N ASP B 334 13.59 3.13 30.72
CA ASP B 334 14.91 2.64 31.20
C ASP B 334 15.66 2.13 29.97
N PRO B 335 16.80 2.76 29.56
CA PRO B 335 17.61 2.26 28.44
C PRO B 335 17.97 0.76 28.49
N GLU B 336 17.99 0.16 29.68
CA GLU B 336 18.38 -1.26 29.87
C GLU B 336 17.27 -2.16 29.32
N LYS B 337 16.10 -1.59 29.13
CA LYS B 337 14.90 -2.26 28.60
C LYS B 337 14.67 -1.91 27.12
N LEU B 338 15.58 -1.19 26.47
CA LEU B 338 15.42 -0.67 25.08
C LEU B 338 16.39 -1.38 24.11
N ASN B 339 15.84 -1.99 23.05
CA ASN B 339 16.63 -2.49 21.88
C ASN B 339 17.76 -3.40 22.41
N VAL B 340 17.42 -4.40 23.22
CA VAL B 340 18.42 -5.07 24.12
C VAL B 340 19.30 -6.00 23.29
N ASN B 341 18.89 -6.35 22.07
CA ASN B 341 19.71 -7.19 21.16
C ASN B 341 20.25 -6.34 20.01
N GLY B 342 20.28 -5.01 20.16
CA GLY B 342 20.71 -4.12 19.08
C GLY B 342 19.52 -3.58 18.32
N GLY B 343 19.74 -2.51 17.56
CA GLY B 343 18.72 -1.86 16.70
C GLY B 343 19.34 -1.45 15.38
N ALA B 344 18.57 -0.74 14.57
CA ALA B 344 18.89 -0.34 13.19
C ALA B 344 20.27 0.31 13.05
N VAL B 345 20.79 1.07 14.01
CA VAL B 345 22.14 1.69 13.80
C VAL B 345 23.12 0.55 13.54
N ALA B 346 23.03 -0.54 14.30
CA ALA B 346 23.95 -1.69 14.09
C ALA B 346 23.44 -2.60 13.00
N MET B 347 22.12 -2.82 12.96
CA MET B 347 21.51 -3.98 12.26
C MET B 347 21.04 -3.59 10.87
N GLY B 348 20.76 -2.31 10.64
CA GLY B 348 20.32 -1.77 9.35
C GLY B 348 18.84 -1.45 9.32
N HIS B 349 18.40 -0.73 8.29
CA HIS B 349 17.00 -0.27 8.17
C HIS B 349 16.48 -0.58 6.76
N PRO B 350 16.05 -1.83 6.45
CA PRO B 350 15.41 -2.13 5.17
C PRO B 350 13.96 -1.65 5.34
N ILE B 351 13.70 -0.44 4.85
CA ILE B 351 12.58 0.45 5.29
C ILE B 351 11.30 -0.38 5.42
N GLY B 352 10.88 -1.06 4.37
CA GLY B 352 9.56 -1.72 4.32
C GLY B 352 9.46 -2.86 5.32
N ALA B 353 10.59 -3.48 5.70
CA ALA B 353 10.64 -4.65 6.59
C ALA B 353 10.78 -4.25 8.05
N SER B 354 11.39 -3.11 8.36
CA SER B 354 11.89 -2.79 9.72
C SER B 354 10.76 -2.85 10.77
N GLY B 355 9.55 -2.40 10.41
CA GLY B 355 8.42 -2.39 11.35
C GLY B 355 7.95 -3.78 11.73
N ALA B 356 8.04 -4.75 10.81
CA ALA B 356 7.79 -6.17 11.14
C ALA B 356 9.02 -6.73 11.86
N ARG B 357 10.21 -6.37 11.40
CA ARG B 357 11.49 -6.89 11.95
C ARG B 357 11.55 -6.61 13.46
N ILE B 358 11.27 -5.38 13.88
CA ILE B 358 11.42 -4.99 15.31
C ILE B 358 10.38 -5.78 16.11
N ILE B 359 9.22 -6.13 15.54
CA ILE B 359 8.23 -6.94 16.30
C ILE B 359 8.78 -8.36 16.47
N VAL B 360 9.45 -8.90 15.44
CA VAL B 360 10.04 -10.26 15.49
C VAL B 360 11.12 -10.30 16.58
N THR B 361 11.99 -9.28 16.62
CA THR B 361 13.12 -9.17 17.56
C THR B 361 12.52 -9.01 18.95
N LEU B 362 11.46 -8.20 19.09
CA LEU B 362 10.82 -7.92 20.41
C LEU B 362 10.23 -9.22 20.99
N ILE B 363 9.51 -10.00 20.18
CA ILE B 363 8.86 -11.26 20.61
C ILE B 363 9.95 -12.18 21.18
N HIS B 364 11.08 -12.31 20.49
CA HIS B 364 12.16 -13.27 20.88
C HIS B 364 12.95 -12.71 22.07
N ALA B 365 13.11 -11.40 22.19
CA ALA B 365 13.75 -10.77 23.36
C ALA B 365 12.83 -10.95 24.59
N LEU B 366 11.51 -10.86 24.41
CA LEU B 366 10.57 -11.13 25.53
C LEU B 366 10.73 -12.59 25.97
N LYS B 367 10.69 -13.52 25.02
CA LYS B 367 10.78 -14.98 25.26
C LYS B 367 12.10 -15.30 25.98
N GLN B 368 13.22 -14.69 25.59
CA GLN B 368 14.56 -14.88 26.21
C GLN B 368 14.53 -14.40 27.67
N ARG B 369 13.71 -13.38 27.97
CA ARG B 369 13.62 -12.73 29.29
C ARG B 369 12.66 -13.53 30.20
N GLY B 370 12.04 -14.60 29.72
CA GLY B 370 11.03 -15.40 30.47
C GLY B 370 9.60 -14.97 30.18
N GLY B 371 9.40 -14.05 29.25
CA GLY B 371 8.07 -13.54 28.88
C GLY B 371 7.86 -12.14 29.41
N GLY B 372 6.75 -11.51 29.03
CA GLY B 372 6.41 -10.18 29.55
C GLY B 372 5.62 -9.39 28.53
N ILE B 373 5.57 -8.10 28.76
CA ILE B 373 4.89 -7.13 27.86
C ILE B 373 5.96 -6.31 27.17
N GLY B 374 5.77 -6.05 25.87
CA GLY B 374 6.67 -5.24 25.08
C GLY B 374 5.91 -4.22 24.25
N ILE B 375 6.58 -3.13 23.92
CA ILE B 375 6.07 -2.16 22.92
C ILE B 375 7.16 -2.05 21.84
N ALA B 376 6.73 -2.24 20.60
CA ALA B 376 7.49 -1.84 19.40
C ALA B 376 6.96 -0.48 18.95
N SER B 377 7.85 0.48 18.74
CA SER B 377 7.47 1.83 18.23
C SER B 377 8.41 2.19 17.07
N ILE B 378 7.84 2.79 16.04
CA ILE B 378 8.63 3.14 14.85
C ILE B 378 8.12 4.47 14.33
N CYS B 379 9.05 5.38 14.05
CA CYS B 379 8.76 6.63 13.31
C CYS B 379 8.93 6.35 11.82
N SER B 380 8.28 7.15 10.99
CA SER B 380 8.36 6.99 9.53
C SER B 380 8.42 8.34 8.83
N GLY B 381 9.23 8.39 7.77
CA GLY B 381 9.26 9.52 6.84
C GLY B 381 7.89 10.01 6.53
N GLY B 382 7.68 11.32 6.54
CA GLY B 382 6.36 11.92 6.35
C GLY B 382 5.79 12.43 7.66
N GLY B 383 6.33 11.98 8.81
CA GLY B 383 5.94 12.48 10.15
C GLY B 383 4.91 11.62 10.85
N GLN B 384 5.10 10.31 10.88
CA GLN B 384 4.17 9.41 11.60
C GLN B 384 4.95 8.63 12.66
N GLY B 385 4.25 8.15 13.67
CA GLY B 385 4.74 7.14 14.62
C GLY B 385 3.65 6.12 14.86
N ASP B 386 4.04 4.85 14.96
CA ASP B 386 3.14 3.71 15.15
C ASP B 386 3.75 2.93 16.31
N ALA B 387 2.91 2.45 17.24
CA ALA B 387 3.37 1.59 18.36
C ALA B 387 2.33 0.48 18.54
N VAL B 388 2.84 -0.70 18.86
CA VAL B 388 2.02 -1.91 19.10
C VAL B 388 2.48 -2.52 20.43
N MET B 389 1.51 -2.92 21.25
CA MET B 389 1.77 -3.58 22.54
C MET B 389 1.50 -5.07 22.36
N ILE B 390 2.45 -5.89 22.78
CA ILE B 390 2.31 -7.37 22.66
C ILE B 390 2.53 -8.03 24.02
N GLU B 391 2.02 -9.24 24.19
CA GLU B 391 2.22 -10.03 25.44
C GLU B 391 2.82 -11.37 25.05
N VAL B 392 3.91 -11.77 25.73
CA VAL B 392 4.58 -13.07 25.51
C VAL B 392 4.67 -13.82 26.85
N HIS B 393 4.09 -15.01 26.91
CA HIS B 393 4.18 -15.95 28.06
C HIS B 393 4.72 -17.29 27.56
N LEU B 394 5.53 -17.98 28.35
CA LEU B 394 6.00 -19.35 28.04
C LEU B 394 5.11 -20.38 28.75
N GLU B 395 4.90 -21.55 28.13
CA GLU B 395 4.06 -22.67 28.62
C GLU B 395 2.59 -22.21 28.62
#